data_4Q2T
#
_entry.id   4Q2T
#
_cell.length_a   74.485
_cell.length_b   106.901
_cell.length_c   175.248
_cell.angle_alpha   90.000
_cell.angle_beta   90.000
_cell.angle_gamma   90.000
#
_symmetry.space_group_name_H-M   'P 21 21 21'
#
loop_
_entity.id
_entity.type
_entity.pdbx_description
1 polymer 'Arginine--tRNA ligase, cytoplasmic'
2 non-polymer ARGININE
3 non-polymer GLYCEROL
4 water water
#
_entity_poly.entity_id   1
_entity_poly.type   'polypeptide(L)'
_entity_poly.pdbx_seq_one_letter_code
;HHHHHHSSGLVPRGSHMASMINIISRLQEVFGHAIKAAYPDLENPPLLVTPSQQAKFGDYQCNSAMGISQMLKTKEQKVN
PREIAENITKHLPDNECIEKVEIAGPGFINVHLRKDFVSEQLTSLLVNGVQLPALGENKKVIVDFSSPNIAKEMHVGHLR
STIIGESISRLFEFAGYDVLRLNHVGDWGTQFGMLIAHLQDKFPDYLTVSPPIGDLQVFYKESKKRFDTEEEFKKRAYQC
VVLLQGKNPDITKAWKLICDVSRQELNKIYDALDVSLIERGESFYQDRMNDIVKEFEDRGFVQVDDGRKIVFVPGCSIPL
TIVKSDGGYTYDTSDLAAIKQRLFEEKADMIIYVVDNGQSVHFQTIFAAAQMIGWYDPKVTRVFHAGFGVVLGEDKKKFK
TRSGETVRLMDLLGEGLKRSMDKLKEKERDKVLTAEELNAAQTSVAYGCIKYADLSRNRLNDYIFSFDKMLDDRGNTAAY
LLYAFTRIRSIARLANIDEEMLQKAARETKILLDHEKEWKLGRCILRFPEILQKILDDLFLHTLCDYIYELATAFTEFYD
SCYCVEKDRQTGKILKVNMWRMLLCEAVAAVMAKGFDILGIKPVQRM
;
_entity_poly.pdbx_strand_id   A,B
#
loop_
_chem_comp.id
_chem_comp.type
_chem_comp.name
_chem_comp.formula
GOL non-polymer GLYCEROL 'C3 H8 O3'
#
# COMPACT_ATOMS: atom_id res chain seq x y z
N ALA A 18 30.36 25.86 13.78
CA ALA A 18 30.55 24.41 13.71
C ALA A 18 29.46 23.69 14.48
N SER A 19 29.10 22.50 14.03
CA SER A 19 27.94 21.80 14.55
C SER A 19 28.25 20.40 15.10
N MET A 20 27.26 19.80 15.75
CA MET A 20 27.45 18.51 16.36
C MET A 20 27.67 17.45 15.31
N ILE A 21 28.48 16.45 15.67
CA ILE A 21 28.84 15.39 14.74
C ILE A 21 28.03 14.13 15.03
N ASN A 22 27.51 13.53 13.96
CA ASN A 22 26.86 12.25 14.07
C ASN A 22 27.90 11.16 14.20
N ILE A 23 28.03 10.65 15.41
CA ILE A 23 29.07 9.71 15.74
C ILE A 23 28.87 8.37 15.03
N ILE A 24 27.63 7.91 14.95
CA ILE A 24 27.31 6.71 14.19
C ILE A 24 27.76 6.84 12.72
N SER A 25 27.52 8.00 12.10
CA SER A 25 27.94 8.20 10.72
C SER A 25 29.46 8.24 10.60
N ARG A 26 30.11 8.92 11.54
CA ARG A 26 31.56 8.95 11.57
C ARG A 26 32.12 7.56 11.76
N LEU A 27 31.56 6.82 12.71
CA LEU A 27 32.06 5.49 12.98
C LEU A 27 31.81 4.58 11.77
N GLN A 28 30.65 4.73 11.13
CA GLN A 28 30.31 3.98 9.92
C GLN A 28 31.27 4.29 8.79
N GLU A 29 31.74 5.52 8.73
CA GLU A 29 32.68 5.92 7.69
C GLU A 29 34.04 5.29 7.94
N VAL A 30 34.41 5.18 9.21
CA VAL A 30 35.70 4.63 9.61
C VAL A 30 35.76 3.12 9.35
N PHE A 31 34.81 2.40 9.92
CA PHE A 31 34.73 0.97 9.66
C PHE A 31 34.50 0.68 8.17
N GLY A 32 33.76 1.57 7.49
CA GLY A 32 33.58 1.48 6.06
C GLY A 32 34.92 1.39 5.33
N HIS A 33 35.82 2.33 5.59
CA HIS A 33 37.14 2.32 4.96
C HIS A 33 37.93 1.08 5.34
N ALA A 34 37.81 0.66 6.58
CA ALA A 34 38.51 -0.53 7.06
C ALA A 34 38.06 -1.77 6.31
N ILE A 35 36.77 -2.03 6.31
CA ILE A 35 36.20 -3.18 5.62
C ILE A 35 36.55 -3.26 4.13
N LYS A 36 36.59 -2.09 3.47
CA LYS A 36 36.98 -1.98 2.07
C LYS A 36 38.45 -2.40 1.90
N ALA A 37 39.27 -2.04 2.88
CA ALA A 37 40.71 -2.38 2.91
C ALA A 37 41.00 -3.85 3.20
N ALA A 38 40.33 -4.40 4.20
CA ALA A 38 40.41 -5.82 4.54
C ALA A 38 39.77 -6.72 3.48
N TYR A 39 38.65 -6.31 2.92
CA TYR A 39 37.91 -7.12 1.94
C TYR A 39 37.44 -6.32 0.74
N PRO A 40 38.39 -5.91 -0.12
CA PRO A 40 38.15 -4.97 -1.21
C PRO A 40 37.13 -5.42 -2.25
N ASP A 41 36.89 -6.73 -2.34
CA ASP A 41 35.97 -7.28 -3.35
C ASP A 41 34.58 -7.59 -2.80
N LEU A 42 34.26 -7.08 -1.62
CA LEU A 42 32.97 -7.33 -1.00
C LEU A 42 32.03 -6.16 -1.26
N GLU A 43 30.80 -6.43 -1.67
CA GLU A 43 29.91 -5.34 -2.05
C GLU A 43 28.75 -5.14 -1.11
N ASN A 44 28.49 -3.87 -0.82
CA ASN A 44 27.52 -3.48 0.18
C ASN A 44 27.59 -4.29 1.48
N PRO A 45 28.75 -4.28 2.16
CA PRO A 45 28.85 -4.94 3.45
C PRO A 45 27.97 -4.26 4.49
N PRO A 46 27.37 -5.03 5.40
CA PRO A 46 26.59 -4.40 6.47
C PRO A 46 27.47 -3.53 7.35
N LEU A 47 26.94 -2.40 7.83
CA LEU A 47 27.69 -1.50 8.70
C LEU A 47 26.87 -1.12 9.91
N LEU A 48 26.36 -2.10 10.64
CA LEU A 48 25.51 -1.75 11.74
C LEU A 48 26.38 -1.29 12.91
N VAL A 49 26.35 0.01 13.18
CA VAL A 49 27.00 0.61 14.34
C VAL A 49 25.95 1.17 15.27
N THR A 50 26.02 0.76 16.52
CA THR A 50 25.05 1.17 17.54
C THR A 50 25.74 1.49 18.89
N PRO A 51 25.10 2.33 19.72
CA PRO A 51 25.64 2.65 21.04
C PRO A 51 25.53 1.46 22.00
N SER A 52 26.60 1.19 22.75
CA SER A 52 26.56 0.18 23.81
C SER A 52 25.71 0.64 24.98
N GLN A 53 24.87 -0.24 25.48
CA GLN A 53 24.10 0.07 26.66
C GLN A 53 24.96 -0.01 27.93
N GLN A 54 25.83 -1.02 28.00
CA GLN A 54 26.65 -1.20 29.20
C GLN A 54 28.09 -0.77 28.96
N ALA A 55 28.55 0.21 29.75
CA ALA A 55 29.88 0.78 29.59
C ALA A 55 31.00 -0.24 29.66
N LYS A 56 30.73 -1.38 30.28
CA LYS A 56 31.65 -2.51 30.25
C LYS A 56 32.22 -2.74 28.84
N PHE A 57 31.34 -2.75 27.85
CA PHE A 57 31.67 -3.15 26.47
C PHE A 57 31.90 -1.96 25.54
N GLY A 58 32.44 -0.87 26.07
CA GLY A 58 32.75 0.27 25.23
C GLY A 58 31.60 1.24 25.07
N ASP A 59 31.71 2.13 24.10
CA ASP A 59 30.71 3.18 23.92
C ASP A 59 29.81 2.90 22.73
N TYR A 60 30.39 2.29 21.70
CA TYR A 60 29.69 1.90 20.48
C TYR A 60 30.09 0.50 20.06
N GLN A 61 29.19 -0.12 19.30
CA GLN A 61 29.38 -1.46 18.82
C GLN A 61 29.23 -1.49 17.32
N CYS A 62 30.15 -2.18 16.65
CA CYS A 62 30.03 -2.48 15.23
C CYS A 62 29.85 -3.98 15.01
N ASN A 63 28.78 -4.35 14.32
CA ASN A 63 28.46 -5.75 14.08
C ASN A 63 28.80 -6.26 12.70
N SER A 64 29.44 -5.44 11.90
CA SER A 64 29.60 -5.76 10.50
C SER A 64 30.34 -7.12 10.24
N ALA A 65 31.14 -7.61 11.18
CA ALA A 65 31.81 -8.88 10.93
C ALA A 65 30.83 -10.05 11.06
N MET A 66 29.84 -9.93 11.94
CA MET A 66 28.81 -10.96 12.03
C MET A 66 27.99 -10.97 10.75
N GLY A 67 27.67 -9.78 10.25
CA GLY A 67 26.88 -9.65 9.03
C GLY A 67 27.64 -10.05 7.79
N ILE A 68 28.94 -9.78 7.78
CA ILE A 68 29.78 -10.16 6.65
C ILE A 68 29.88 -11.68 6.50
N SER A 69 30.09 -12.40 7.59
CA SER A 69 30.17 -13.86 7.50
C SER A 69 28.82 -14.42 7.08
N GLN A 70 27.76 -13.77 7.53
CA GLN A 70 26.43 -14.22 7.21
C GLN A 70 26.13 -13.95 5.75
N MET A 71 26.88 -13.05 5.11
CA MET A 71 26.73 -12.85 3.66
C MET A 71 27.37 -13.99 2.88
N LEU A 72 28.61 -14.29 3.22
CA LEU A 72 29.39 -15.29 2.52
C LEU A 72 29.02 -16.71 2.90
N LYS A 73 28.09 -16.84 3.83
CA LYS A 73 27.66 -18.16 4.30
C LYS A 73 27.18 -18.97 3.11
N THR A 74 27.74 -20.17 2.94
CA THR A 74 27.24 -21.11 1.92
C THR A 74 26.83 -22.44 2.55
N LYS A 75 26.51 -23.41 1.71
CA LYS A 75 26.08 -24.71 2.19
C LYS A 75 27.22 -25.39 2.94
N GLU A 76 28.43 -25.25 2.40
CA GLU A 76 29.56 -26.05 2.83
C GLU A 76 30.50 -25.31 3.78
N GLN A 77 30.51 -23.98 3.69
CA GLN A 77 31.52 -23.20 4.37
C GLN A 77 30.93 -21.97 5.06
N LYS A 78 31.32 -21.76 6.31
CA LYS A 78 30.88 -20.60 7.08
C LYS A 78 32.05 -19.96 7.84
N VAL A 79 32.53 -18.81 7.36
CA VAL A 79 33.68 -18.14 7.96
C VAL A 79 33.42 -17.64 9.38
N ASN A 80 34.42 -17.82 10.24
CA ASN A 80 34.39 -17.34 11.62
C ASN A 80 34.41 -15.81 11.67
N PRO A 81 33.38 -15.21 12.29
CA PRO A 81 33.26 -13.75 12.37
C PRO A 81 34.47 -13.13 13.01
N ARG A 82 34.96 -13.81 14.04
CA ARG A 82 36.08 -13.32 14.83
C ARG A 82 37.34 -13.08 14.00
N GLU A 83 37.50 -13.85 12.95
CA GLU A 83 38.65 -13.63 12.09
C GLU A 83 38.42 -12.42 11.21
N ILE A 84 37.17 -12.22 10.84
CA ILE A 84 36.79 -11.09 10.03
C ILE A 84 37.01 -9.82 10.83
N ALA A 85 36.51 -9.83 12.06
CA ALA A 85 36.69 -8.71 12.97
C ALA A 85 38.15 -8.34 13.02
N GLU A 86 38.99 -9.36 13.18
CA GLU A 86 40.43 -9.17 13.24
C GLU A 86 40.98 -8.46 12.03
N ASN A 87 40.63 -8.92 10.84
CA ASN A 87 41.06 -8.23 9.63
C ASN A 87 40.51 -6.81 9.56
N ILE A 88 39.28 -6.61 10.02
CA ILE A 88 38.69 -5.29 9.95
C ILE A 88 39.44 -4.31 10.87
N THR A 89 39.59 -4.69 12.14
CA THR A 89 40.27 -3.84 13.11
C THR A 89 41.71 -3.61 12.73
N LYS A 90 42.32 -4.61 12.10
CA LYS A 90 43.70 -4.49 11.63
C LYS A 90 43.84 -3.44 10.53
N HIS A 91 42.72 -3.05 9.93
CA HIS A 91 42.78 -2.10 8.81
C HIS A 91 42.11 -0.77 9.10
N LEU A 92 41.84 -0.51 10.39
CA LEU A 92 41.24 0.76 10.80
C LEU A 92 42.18 1.92 10.45
N PRO A 93 41.66 2.90 9.73
CA PRO A 93 42.49 4.06 9.39
C PRO A 93 42.74 4.93 10.63
N ASP A 94 43.67 5.87 10.53
CA ASP A 94 43.89 6.80 11.64
C ASP A 94 42.70 7.74 11.71
N ASN A 95 42.19 7.92 12.93
CA ASN A 95 40.96 8.68 13.14
C ASN A 95 41.04 9.53 14.41
N GLU A 96 40.15 10.50 14.54
CA GLU A 96 40.21 11.39 15.71
C GLU A 96 39.32 10.97 16.88
N CYS A 97 38.44 9.99 16.68
CA CYS A 97 37.45 9.72 17.71
C CYS A 97 37.60 8.37 18.39
N ILE A 98 38.44 7.49 17.86
CA ILE A 98 38.53 6.14 18.41
C ILE A 98 39.76 5.95 19.30
N GLU A 99 39.48 5.72 20.56
CA GLU A 99 40.50 5.43 21.54
C GLU A 99 41.14 4.10 21.21
N LYS A 100 40.35 3.05 21.39
CA LYS A 100 40.77 1.72 21.04
C LYS A 100 39.53 0.91 20.66
N VAL A 101 39.75 -0.24 20.01
CA VAL A 101 38.68 -1.18 19.73
C VAL A 101 39.02 -2.55 20.30
N GLU A 102 38.00 -3.36 20.57
CA GLU A 102 38.22 -4.71 21.06
C GLU A 102 37.28 -5.70 20.36
N ILE A 103 37.78 -6.88 20.03
CA ILE A 103 36.89 -7.89 19.47
C ILE A 103 36.32 -8.78 20.59
N ALA A 104 35.00 -8.86 20.67
CA ALA A 104 34.35 -9.57 21.76
C ALA A 104 33.43 -10.67 21.26
N GLY A 105 33.34 -11.76 22.02
CA GLY A 105 32.43 -12.85 21.70
C GLY A 105 32.71 -13.48 20.35
N PRO A 106 31.65 -13.72 19.56
CA PRO A 106 31.77 -14.34 18.24
C PRO A 106 32.62 -13.48 17.30
N GLY A 107 32.38 -12.16 17.35
CA GLY A 107 33.10 -11.22 16.52
C GLY A 107 32.51 -9.83 16.63
N PHE A 108 31.94 -9.50 17.79
CA PHE A 108 31.50 -8.13 18.06
C PHE A 108 32.70 -7.22 18.14
N ILE A 109 32.59 -6.07 17.52
CA ILE A 109 33.64 -5.08 17.60
C ILE A 109 33.22 -3.96 18.52
N ASN A 110 33.78 -3.94 19.73
CA ASN A 110 33.47 -2.91 20.72
C ASN A 110 34.38 -1.69 20.58
N VAL A 111 33.77 -0.51 20.65
CA VAL A 111 34.47 0.73 20.33
C VAL A 111 34.51 1.68 21.51
N HIS A 112 35.72 2.11 21.88
CA HIS A 112 35.90 3.09 22.97
C HIS A 112 36.27 4.45 22.40
N LEU A 113 35.49 5.47 22.73
CA LEU A 113 35.78 6.83 22.24
C LEU A 113 36.93 7.53 23.00
N ARG A 114 37.79 8.24 22.27
CA ARG A 114 38.81 9.10 22.88
C ARG A 114 38.19 10.16 23.80
N LYS A 115 38.75 10.33 25.01
CA LYS A 115 38.26 11.34 25.97
C LYS A 115 38.35 12.78 25.43
N ASP A 116 39.46 13.08 24.78
CA ASP A 116 39.66 14.39 24.17
C ASP A 116 38.51 14.75 23.24
N PHE A 117 38.23 13.84 22.31
CA PHE A 117 37.16 14.03 21.35
C PHE A 117 35.85 14.38 22.05
N VAL A 118 35.43 13.56 23.00
CA VAL A 118 34.17 13.80 23.68
C VAL A 118 34.20 15.14 24.44
N SER A 119 35.30 15.39 25.15
CA SER A 119 35.48 16.61 25.90
C SER A 119 35.40 17.83 24.98
N GLU A 120 36.18 17.79 23.91
CA GLU A 120 36.16 18.87 22.93
C GLU A 120 34.79 19.09 22.27
N GLN A 121 34.04 18.02 22.00
CA GLN A 121 32.73 18.17 21.35
C GLN A 121 31.71 18.73 22.32
N LEU A 122 31.80 18.35 23.59
CA LEU A 122 30.97 18.95 24.62
C LEU A 122 31.22 20.47 24.68
N THR A 123 32.48 20.86 24.65
CA THR A 123 32.83 22.27 24.59
C THR A 123 32.23 22.91 23.32
N SER A 124 32.43 22.27 22.17
CA SER A 124 31.94 22.82 20.91
C SER A 124 30.42 23.15 20.93
N LEU A 125 29.61 22.31 21.54
CA LEU A 125 28.18 22.59 21.53
C LEU A 125 27.88 23.73 22.51
N LEU A 126 28.74 23.90 23.51
CA LEU A 126 28.58 24.99 24.46
C LEU A 126 28.95 26.36 23.89
N VAL A 127 29.98 26.42 23.05
CA VAL A 127 30.42 27.68 22.45
C VAL A 127 29.66 28.07 21.18
N ASN A 128 29.43 27.12 20.29
CA ASN A 128 28.70 27.40 19.06
C ASN A 128 27.22 27.10 19.17
N GLY A 129 26.76 26.75 20.36
CA GLY A 129 25.38 26.32 20.54
C GLY A 129 25.04 25.00 19.86
N VAL A 130 23.88 24.45 20.23
CA VAL A 130 23.45 23.16 19.71
C VAL A 130 22.85 23.30 18.31
N GLN A 131 23.54 22.75 17.32
CA GLN A 131 23.09 22.85 15.95
C GLN A 131 23.62 21.75 15.03
N LEU A 132 22.85 21.50 13.98
CA LEU A 132 23.15 20.43 13.05
C LEU A 132 23.89 20.94 11.84
N PRO A 133 24.75 20.10 11.27
CA PRO A 133 25.40 20.40 9.99
C PRO A 133 24.33 20.51 8.91
N ALA A 134 24.42 21.52 8.06
CA ALA A 134 23.39 21.75 7.05
C ALA A 134 23.47 20.76 5.90
N LEU A 135 22.37 20.59 5.19
CA LEU A 135 22.38 19.84 3.94
C LEU A 135 23.47 20.42 3.02
N GLY A 136 24.24 19.59 2.35
CA GLY A 136 25.17 20.07 1.33
C GLY A 136 24.41 20.85 0.26
N GLU A 137 23.27 20.29 -0.14
CA GLU A 137 22.36 20.93 -1.10
C GLU A 137 20.99 21.08 -0.45
N ASN A 138 20.33 22.20 -0.73
CA ASN A 138 18.97 22.45 -0.28
C ASN A 138 18.01 21.38 -0.74
N LYS A 139 16.98 21.17 0.06
CA LYS A 139 15.96 20.17 -0.19
C LYS A 139 14.65 20.75 0.30
N LYS A 140 13.60 20.60 -0.50
CA LYS A 140 12.28 21.11 -0.11
C LYS A 140 11.43 19.97 0.44
N VAL A 141 10.92 20.13 1.65
CA VAL A 141 10.09 19.14 2.29
C VAL A 141 8.72 19.73 2.49
N ILE A 142 7.69 19.02 2.02
CA ILE A 142 6.33 19.48 2.23
C ILE A 142 5.65 18.64 3.29
N VAL A 143 5.11 19.30 4.32
CA VAL A 143 4.45 18.58 5.39
C VAL A 143 2.99 18.98 5.42
N ASP A 144 2.13 17.96 5.25
CA ASP A 144 0.71 18.10 5.08
C ASP A 144 0.13 17.61 6.37
N PHE A 145 -0.31 18.53 7.22
CA PHE A 145 -0.78 18.13 8.56
C PHE A 145 -1.87 19.01 9.13
N SER A 146 -2.47 18.53 10.20
CA SER A 146 -3.65 19.11 10.81
C SER A 146 -4.85 18.86 9.90
N SER A 147 -5.08 19.78 8.97
CA SER A 147 -6.10 19.65 7.92
C SER A 147 -7.50 19.27 8.42
N PRO A 148 -8.07 20.11 9.31
CA PRO A 148 -9.45 19.85 9.75
C PRO A 148 -10.45 20.08 8.60
N ASN A 149 -11.71 19.68 8.80
CA ASN A 149 -12.74 19.96 7.81
C ASN A 149 -13.57 21.19 8.20
N ILE A 150 -13.71 22.14 7.29
CA ILE A 150 -14.49 23.34 7.56
C ILE A 150 -15.93 22.97 7.88
N ALA A 151 -16.48 23.65 8.87
CA ALA A 151 -17.90 23.48 9.23
C ALA A 151 -18.13 22.25 10.10
N LYS A 152 -17.20 21.30 10.10
CA LYS A 152 -17.23 20.23 11.07
C LYS A 152 -16.23 20.48 12.20
N GLU A 153 -16.53 19.94 13.38
CA GLU A 153 -15.69 20.15 14.56
C GLU A 153 -14.32 19.52 14.38
N MET A 154 -13.27 20.32 14.49
CA MET A 154 -11.95 19.77 14.44
C MET A 154 -11.82 18.82 15.65
N HIS A 155 -11.33 17.60 15.42
CA HIS A 155 -11.32 16.57 16.45
C HIS A 155 -9.91 16.09 16.84
N VAL A 156 -9.83 15.16 17.79
CA VAL A 156 -8.52 14.77 18.31
C VAL A 156 -7.64 14.09 17.27
N GLY A 157 -8.26 13.56 16.23
CA GLY A 157 -7.48 13.01 15.13
C GLY A 157 -6.66 14.13 14.51
N HIS A 158 -7.31 15.26 14.28
CA HIS A 158 -6.63 16.46 13.78
C HIS A 158 -5.59 17.03 14.77
N LEU A 159 -5.82 16.85 16.07
CA LEU A 159 -4.88 17.27 17.09
C LEU A 159 -3.58 16.50 16.94
N ARG A 160 -3.69 15.18 16.83
CA ARG A 160 -2.52 14.32 16.64
C ARG A 160 -1.73 14.77 15.41
N SER A 161 -2.42 14.89 14.28
CA SER A 161 -1.83 15.32 13.03
C SER A 161 -1.09 16.64 13.23
N THR A 162 -1.76 17.56 13.94
CA THR A 162 -1.22 18.89 14.22
C THR A 162 0.05 18.81 15.07
N ILE A 163 0.00 18.07 16.17
CA ILE A 163 1.13 17.95 17.07
C ILE A 163 2.30 17.24 16.40
N ILE A 164 1.99 16.12 15.76
CA ILE A 164 2.99 15.33 15.11
C ILE A 164 3.58 16.05 13.91
N GLY A 165 2.74 16.70 13.12
CA GLY A 165 3.19 17.42 11.94
C GLY A 165 4.10 18.63 12.27
N GLU A 166 3.79 19.30 13.38
CA GLU A 166 4.56 20.47 13.81
C GLU A 166 5.95 20.07 14.17
N SER A 167 6.03 18.96 14.89
CA SER A 167 7.29 18.50 15.39
C SER A 167 8.18 17.95 14.27
N ILE A 168 7.54 17.24 13.31
CA ILE A 168 8.23 16.79 12.09
C ILE A 168 8.80 17.98 11.30
N SER A 169 7.95 18.98 11.08
CA SER A 169 8.36 20.21 10.42
C SER A 169 9.58 20.80 11.13
N ARG A 170 9.51 20.90 12.46
CA ARG A 170 10.63 21.46 13.21
C ARG A 170 11.88 20.63 13.04
N LEU A 171 11.72 19.31 13.04
CA LEU A 171 12.87 18.42 12.90
C LEU A 171 13.61 18.65 11.58
N PHE A 172 12.87 18.85 10.51
CA PHE A 172 13.49 19.02 9.19
C PHE A 172 14.05 20.41 9.02
N GLU A 173 13.37 21.39 9.61
CA GLU A 173 13.91 22.74 9.69
C GLU A 173 15.26 22.70 10.43
N PHE A 174 15.29 22.11 11.62
CA PHE A 174 16.54 22.04 12.39
C PHE A 174 17.62 21.37 11.58
N ALA A 175 17.25 20.35 10.81
CA ALA A 175 18.19 19.66 9.93
C ALA A 175 18.53 20.45 8.63
N GLY A 176 17.97 21.64 8.46
CA GLY A 176 18.39 22.50 7.37
C GLY A 176 17.58 22.40 6.09
N TYR A 177 16.54 21.58 6.10
CA TYR A 177 15.67 21.50 4.96
C TYR A 177 14.85 22.78 4.83
N ASP A 178 14.46 23.09 3.60
CA ASP A 178 13.44 24.11 3.35
C ASP A 178 12.06 23.49 3.43
N VAL A 179 11.30 23.94 4.43
CA VAL A 179 10.05 23.31 4.79
C VAL A 179 8.80 24.16 4.55
N LEU A 180 7.88 23.59 3.82
CA LEU A 180 6.60 24.19 3.53
C LEU A 180 5.52 23.47 4.31
N ARG A 181 4.90 24.15 5.27
CA ARG A 181 3.87 23.54 6.10
C ARG A 181 2.50 23.81 5.51
N LEU A 182 1.82 22.78 5.04
CA LEU A 182 0.54 22.95 4.40
C LEU A 182 -0.59 22.42 5.24
N ASN A 183 -1.58 23.29 5.46
CA ASN A 183 -2.84 22.89 6.06
C ASN A 183 -3.85 22.56 4.94
N HIS A 184 -3.96 21.27 4.65
CA HIS A 184 -4.80 20.75 3.56
C HIS A 184 -6.25 20.68 3.99
N VAL A 185 -6.85 21.83 4.25
CA VAL A 185 -8.16 21.84 4.89
C VAL A 185 -9.28 21.34 3.98
N GLY A 186 -10.27 20.71 4.61
CA GLY A 186 -11.43 20.22 3.90
C GLY A 186 -12.43 21.32 3.68
N ASP A 187 -12.18 22.16 2.68
CA ASP A 187 -13.06 23.27 2.35
C ASP A 187 -13.75 23.18 0.97
N TRP A 188 -13.93 22.00 0.42
CA TRP A 188 -14.53 21.86 -0.92
C TRP A 188 -15.54 20.75 -0.98
N GLY A 189 -15.94 20.24 0.18
CA GLY A 189 -16.88 19.15 0.23
C GLY A 189 -18.25 19.42 -0.36
N THR A 190 -19.12 18.44 -0.25
CA THR A 190 -20.53 18.57 -0.54
C THR A 190 -21.16 18.95 0.79
N GLN A 191 -20.30 18.95 1.81
CA GLN A 191 -20.59 19.43 3.15
C GLN A 191 -21.16 20.86 3.09
N PHE A 192 -20.81 21.59 2.04
CA PHE A 192 -21.17 23.01 1.94
C PHE A 192 -22.55 23.30 1.35
N GLY A 193 -23.11 22.36 0.60
CA GLY A 193 -24.40 22.55 -0.03
C GLY A 193 -25.48 23.01 0.93
N MET A 194 -25.69 22.22 1.97
CA MET A 194 -26.73 22.51 2.94
C MET A 194 -26.39 23.68 3.85
N LEU A 195 -25.09 23.95 4.03
CA LEU A 195 -24.64 25.08 4.82
C LEU A 195 -24.94 26.39 4.14
N ILE A 196 -24.58 26.47 2.86
CA ILE A 196 -24.81 27.64 2.03
C ILE A 196 -26.30 27.94 1.83
N ALA A 197 -27.06 26.90 1.52
CA ALA A 197 -28.50 27.05 1.35
C ALA A 197 -29.11 27.63 2.61
N HIS A 198 -28.71 27.10 3.75
CA HIS A 198 -29.23 27.56 5.03
C HIS A 198 -28.78 28.99 5.34
N LEU A 199 -27.51 29.30 5.10
CA LEU A 199 -27.02 30.68 5.21
C LEU A 199 -27.91 31.62 4.40
N GLN A 200 -28.27 31.19 3.20
CA GLN A 200 -29.08 32.02 2.35
C GLN A 200 -30.46 32.21 2.94
N ASP A 201 -31.00 31.17 3.54
CA ASP A 201 -32.32 31.30 4.12
C ASP A 201 -32.30 32.13 5.44
N LYS A 202 -31.33 31.87 6.31
CA LYS A 202 -31.30 32.58 7.59
C LYS A 202 -30.85 34.05 7.46
N PHE A 203 -29.86 34.32 6.62
CA PHE A 203 -29.34 35.67 6.48
C PHE A 203 -29.48 36.17 5.07
N PRO A 204 -30.71 36.54 4.68
CA PRO A 204 -31.01 36.93 3.29
C PRO A 204 -30.22 38.13 2.80
N ASP A 205 -29.57 38.86 3.69
CA ASP A 205 -28.77 39.99 3.26
C ASP A 205 -27.27 39.73 3.40
N TYR A 206 -26.87 38.48 3.38
CA TYR A 206 -25.48 38.11 3.65
C TYR A 206 -24.52 38.75 2.65
N LEU A 207 -25.04 39.09 1.48
CA LEU A 207 -24.21 39.64 0.40
C LEU A 207 -23.64 41.01 0.72
N THR A 208 -24.29 41.71 1.66
CA THR A 208 -23.88 43.05 2.08
C THR A 208 -23.59 43.09 3.57
N VAL A 209 -24.60 42.72 4.36
CA VAL A 209 -24.45 42.61 5.80
C VAL A 209 -23.77 41.29 6.12
N SER A 210 -22.53 41.33 6.58
CA SER A 210 -21.86 40.11 7.01
C SER A 210 -22.69 39.37 8.06
N PRO A 211 -23.08 38.14 7.75
CA PRO A 211 -23.97 37.42 8.66
C PRO A 211 -23.30 37.07 10.00
N PRO A 212 -24.07 37.21 11.09
CA PRO A 212 -23.71 36.78 12.44
C PRO A 212 -23.91 35.29 12.60
N ILE A 213 -23.06 34.49 11.97
CA ILE A 213 -23.08 33.06 12.23
C ILE A 213 -22.46 32.88 13.60
N GLY A 214 -23.12 32.11 14.46
CA GLY A 214 -22.58 31.93 15.80
C GLY A 214 -21.55 30.83 15.83
N ASP A 215 -21.72 29.89 16.75
CA ASP A 215 -20.93 28.67 16.69
C ASP A 215 -21.22 27.94 15.38
N LEU A 216 -20.18 27.72 14.60
CA LEU A 216 -20.35 27.08 13.31
C LEU A 216 -21.07 25.75 13.46
N GLN A 217 -20.87 25.06 14.59
CA GLN A 217 -21.43 23.72 14.77
C GLN A 217 -22.94 23.74 15.04
N VAL A 218 -23.42 24.75 15.76
CA VAL A 218 -24.86 24.91 15.94
C VAL A 218 -25.53 25.14 14.59
N PHE A 219 -24.89 25.98 13.79
CA PHE A 219 -25.37 26.32 12.46
C PHE A 219 -25.40 25.08 11.55
N TYR A 220 -24.35 24.26 11.62
CA TYR A 220 -24.26 23.04 10.84
C TYR A 220 -25.39 22.11 11.24
N LYS A 221 -25.57 21.97 12.54
CA LYS A 221 -26.61 21.11 13.07
C LYS A 221 -27.99 21.63 12.67
N GLU A 222 -28.16 22.94 12.65
CA GLU A 222 -29.41 23.56 12.17
C GLU A 222 -29.69 23.12 10.74
N SER A 223 -28.72 23.34 9.87
CA SER A 223 -28.92 23.06 8.45
C SER A 223 -28.96 21.56 8.18
N LYS A 224 -28.31 20.75 9.01
CA LYS A 224 -28.36 19.31 8.79
C LYS A 224 -29.74 18.73 9.13
N LYS A 225 -30.41 19.28 10.12
CA LYS A 225 -31.77 18.82 10.40
C LYS A 225 -32.65 19.09 9.18
N ARG A 226 -32.49 20.27 8.59
CA ARG A 226 -33.18 20.59 7.36
C ARG A 226 -32.80 19.59 6.27
N PHE A 227 -31.50 19.35 6.13
CA PHE A 227 -31.01 18.50 5.08
C PHE A 227 -31.62 17.10 5.16
N ASP A 228 -31.87 16.63 6.38
CA ASP A 228 -32.35 15.27 6.60
C ASP A 228 -33.88 15.11 6.60
N THR A 229 -34.59 16.23 6.69
CA THR A 229 -36.03 16.14 6.86
C THR A 229 -36.81 16.72 5.67
N GLU A 230 -36.22 17.68 4.96
CA GLU A 230 -36.91 18.32 3.85
C GLU A 230 -36.30 17.88 2.52
N GLU A 231 -37.06 17.04 1.81
CA GLU A 231 -36.65 16.52 0.52
C GLU A 231 -36.24 17.65 -0.43
N GLU A 232 -37.10 18.68 -0.51
CA GLU A 232 -36.88 19.81 -1.42
C GLU A 232 -35.66 20.67 -1.07
N PHE A 233 -35.36 20.74 0.23
CA PHE A 233 -34.20 21.48 0.65
C PHE A 233 -32.94 20.77 0.20
N LYS A 234 -32.95 19.45 0.33
CA LYS A 234 -31.83 18.61 -0.08
C LYS A 234 -31.45 18.89 -1.52
N LYS A 235 -32.45 19.04 -2.37
CA LYS A 235 -32.20 19.32 -3.78
C LYS A 235 -31.51 20.65 -3.97
N ARG A 236 -31.91 21.67 -3.21
CA ARG A 236 -31.27 22.98 -3.31
C ARG A 236 -29.81 22.87 -2.94
N ALA A 237 -29.58 22.16 -1.84
CA ALA A 237 -28.24 21.95 -1.32
C ALA A 237 -27.31 21.31 -2.36
N TYR A 238 -27.81 20.31 -3.10
CA TYR A 238 -27.02 19.68 -4.15
C TYR A 238 -26.72 20.64 -5.28
N GLN A 239 -27.67 21.50 -5.61
CA GLN A 239 -27.44 22.56 -6.58
C GLN A 239 -26.43 23.60 -6.12
N CYS A 240 -26.51 24.00 -4.85
CA CYS A 240 -25.50 24.92 -4.31
C CYS A 240 -24.09 24.37 -4.49
N VAL A 241 -23.93 23.06 -4.34
CA VAL A 241 -22.63 22.44 -4.52
C VAL A 241 -22.15 22.54 -5.98
N VAL A 242 -23.05 22.28 -6.93
CA VAL A 242 -22.73 22.44 -8.34
C VAL A 242 -22.43 23.91 -8.70
N LEU A 243 -23.21 24.85 -8.14
CA LEU A 243 -22.95 26.26 -8.40
C LEU A 243 -21.60 26.67 -7.83
N LEU A 244 -21.26 26.13 -6.65
CA LEU A 244 -19.99 26.42 -6.02
C LEU A 244 -18.84 25.94 -6.89
N GLN A 245 -18.96 24.72 -7.42
CA GLN A 245 -17.94 24.22 -8.34
C GLN A 245 -17.95 25.10 -9.60
N GLY A 246 -19.09 25.71 -9.87
CA GLY A 246 -19.27 26.54 -11.06
C GLY A 246 -18.70 27.95 -10.89
N LYS A 247 -18.24 28.25 -9.69
CA LYS A 247 -17.65 29.55 -9.39
C LYS A 247 -18.67 30.71 -9.40
N ASN A 248 -19.95 30.40 -9.24
CA ASN A 248 -20.98 31.40 -9.05
C ASN A 248 -20.64 32.40 -7.92
N PRO A 249 -20.55 33.70 -8.25
CA PRO A 249 -20.18 34.76 -7.32
C PRO A 249 -20.93 34.76 -6.00
N ASP A 250 -22.25 34.74 -6.04
CA ASP A 250 -23.00 34.83 -4.80
C ASP A 250 -22.77 33.61 -3.93
N ILE A 251 -22.87 32.42 -4.54
CA ILE A 251 -22.65 31.15 -3.83
C ILE A 251 -21.23 31.08 -3.28
N THR A 252 -20.27 31.57 -4.05
CA THR A 252 -18.89 31.60 -3.60
C THR A 252 -18.67 32.54 -2.41
N LYS A 253 -19.38 33.67 -2.42
CA LYS A 253 -19.34 34.63 -1.33
C LYS A 253 -19.80 33.98 -0.02
N ALA A 254 -20.92 33.27 -0.05
CA ALA A 254 -21.39 32.56 1.14
C ALA A 254 -20.36 31.55 1.63
N TRP A 255 -19.70 30.89 0.68
CA TRP A 255 -18.69 29.91 1.02
C TRP A 255 -17.53 30.61 1.76
N LYS A 256 -17.07 31.75 1.24
CA LYS A 256 -16.08 32.56 1.95
C LYS A 256 -16.52 32.97 3.36
N LEU A 257 -17.75 33.47 3.49
CA LEU A 257 -18.24 33.88 4.79
C LEU A 257 -18.28 32.72 5.80
N ILE A 258 -18.62 31.53 5.33
CA ILE A 258 -18.65 30.39 6.23
C ILE A 258 -17.24 29.94 6.58
N CYS A 259 -16.34 29.96 5.60
CA CYS A 259 -14.95 29.61 5.86
C CYS A 259 -14.25 30.59 6.79
N ASP A 260 -14.54 31.89 6.64
CA ASP A 260 -14.01 32.94 7.50
C ASP A 260 -14.28 32.64 8.97
N VAL A 261 -15.50 32.18 9.24
CA VAL A 261 -15.94 31.91 10.60
C VAL A 261 -15.21 30.72 11.16
N SER A 262 -14.97 29.73 10.30
CA SER A 262 -14.20 28.57 10.68
C SER A 262 -12.77 28.97 10.96
N ARG A 263 -12.24 29.88 10.15
CA ARG A 263 -10.85 30.24 10.25
C ARG A 263 -10.50 30.91 11.57
N GLN A 264 -11.40 31.75 12.08
CA GLN A 264 -11.09 32.45 13.32
C GLN A 264 -11.08 31.48 14.49
N GLU A 265 -11.92 30.46 14.46
CA GLU A 265 -11.91 29.43 15.50
C GLU A 265 -10.61 28.63 15.43
N LEU A 266 -10.21 28.24 14.23
CA LEU A 266 -9.02 27.45 14.05
C LEU A 266 -7.80 28.19 14.54
N ASN A 267 -7.77 29.49 14.28
CA ASN A 267 -6.62 30.28 14.64
C ASN A 267 -6.43 30.31 16.16
N LYS A 268 -7.53 30.16 16.90
CA LYS A 268 -7.45 30.07 18.36
C LYS A 268 -6.66 28.86 18.79
N ILE A 269 -6.91 27.75 18.10
CA ILE A 269 -6.29 26.50 18.43
C ILE A 269 -4.81 26.51 18.02
N TYR A 270 -4.53 27.06 16.84
CA TYR A 270 -3.17 27.04 16.33
C TYR A 270 -2.25 27.95 17.11
N ASP A 271 -2.81 29.02 17.67
CA ASP A 271 -2.04 29.96 18.46
C ASP A 271 -1.71 29.33 19.78
N ALA A 272 -2.73 28.76 20.42
CA ALA A 272 -2.54 28.04 21.67
C ALA A 272 -1.45 27.01 21.52
N LEU A 273 -1.53 26.22 20.45
CA LEU A 273 -0.60 25.11 20.25
C LEU A 273 0.71 25.56 19.64
N ASP A 274 0.81 26.85 19.30
CA ASP A 274 2.06 27.40 18.79
C ASP A 274 2.42 26.84 17.41
N VAL A 275 1.43 26.75 16.52
CA VAL A 275 1.63 26.08 15.25
C VAL A 275 1.48 27.01 14.04
N SER A 276 2.46 26.98 13.14
CA SER A 276 2.37 27.80 11.93
C SER A 276 2.15 26.92 10.68
N LEU A 277 1.11 27.30 9.94
CA LEU A 277 0.57 26.55 8.81
C LEU A 277 0.08 27.46 7.70
N ILE A 278 0.60 27.26 6.50
CA ILE A 278 0.01 27.92 5.34
C ILE A 278 -1.27 27.20 4.96
N GLU A 279 -2.40 27.90 5.02
CA GLU A 279 -3.66 27.29 4.64
C GLU A 279 -3.66 27.04 3.13
N ARG A 280 -4.03 25.83 2.72
CA ARG A 280 -4.13 25.51 1.30
C ARG A 280 -5.14 24.35 1.10
N GLY A 281 -6.41 24.69 1.24
CA GLY A 281 -7.49 23.73 1.22
C GLY A 281 -7.69 23.10 -0.14
N GLU A 282 -8.58 22.12 -0.21
CA GLU A 282 -8.89 21.44 -1.45
C GLU A 282 -9.32 22.44 -2.53
N SER A 283 -10.00 23.51 -2.12
CA SER A 283 -10.52 24.51 -3.05
C SER A 283 -9.41 25.17 -3.85
N PHE A 284 -8.21 25.18 -3.29
CA PHE A 284 -7.05 25.71 -3.97
C PHE A 284 -6.75 25.03 -5.32
N TYR A 285 -7.22 23.80 -5.48
CA TYR A 285 -6.82 23.04 -6.66
C TYR A 285 -7.93 22.90 -7.72
N GLN A 286 -9.00 23.65 -7.56
CA GLN A 286 -10.20 23.49 -8.41
C GLN A 286 -9.93 23.63 -9.90
N ASP A 287 -9.02 24.51 -10.29
CA ASP A 287 -8.65 24.59 -11.70
C ASP A 287 -7.86 23.34 -12.10
N ARG A 288 -6.85 23.05 -11.30
CA ARG A 288 -5.94 21.93 -11.58
C ARG A 288 -6.65 20.57 -11.63
N MET A 289 -7.82 20.47 -11.00
CA MET A 289 -8.54 19.21 -10.99
C MET A 289 -9.13 18.85 -12.36
N ASN A 290 -9.58 19.86 -13.08
CA ASN A 290 -10.08 19.65 -14.44
C ASN A 290 -9.02 19.04 -15.34
N ASP A 291 -7.79 19.52 -15.17
CA ASP A 291 -6.64 19.04 -15.92
C ASP A 291 -6.32 17.60 -15.54
N ILE A 292 -6.32 17.36 -14.23
CA ILE A 292 -6.03 16.06 -13.66
C ILE A 292 -6.95 15.01 -14.25
N VAL A 293 -8.22 15.33 -14.37
CA VAL A 293 -9.15 14.39 -14.95
C VAL A 293 -8.87 14.14 -16.43
N LYS A 294 -8.54 15.21 -17.15
CA LYS A 294 -8.32 15.05 -18.58
C LYS A 294 -7.01 14.31 -18.82
N GLU A 295 -6.05 14.46 -17.90
CA GLU A 295 -4.75 13.82 -18.09
C GLU A 295 -4.85 12.31 -17.89
N PHE A 296 -5.68 11.87 -16.94
CA PHE A 296 -5.92 10.45 -16.78
C PHE A 296 -6.78 9.88 -17.91
N GLU A 297 -7.67 10.68 -18.47
CA GLU A 297 -8.45 10.25 -19.62
C GLU A 297 -7.54 10.09 -20.80
N ASP A 298 -6.81 11.14 -21.12
CA ASP A 298 -5.97 11.11 -22.29
C ASP A 298 -4.86 10.04 -22.27
N ARG A 299 -4.46 9.60 -21.08
CA ARG A 299 -3.39 8.59 -20.99
C ARG A 299 -4.01 7.21 -20.92
N GLY A 300 -5.34 7.18 -20.95
CA GLY A 300 -6.10 5.96 -21.09
C GLY A 300 -6.36 5.20 -19.82
N PHE A 301 -6.26 5.87 -18.67
CA PHE A 301 -6.41 5.19 -17.39
C PHE A 301 -7.82 5.24 -16.83
N VAL A 302 -8.72 5.89 -17.56
CA VAL A 302 -10.05 6.18 -17.02
C VAL A 302 -11.14 5.27 -17.54
N GLN A 303 -12.01 4.87 -16.63
CA GLN A 303 -13.11 3.98 -16.94
C GLN A 303 -14.44 4.60 -16.50
N VAL A 304 -15.47 4.50 -17.32
CA VAL A 304 -16.78 5.01 -16.95
C VAL A 304 -17.61 3.93 -16.25
N ASP A 305 -18.15 4.28 -15.08
CA ASP A 305 -18.85 3.31 -14.23
C ASP A 305 -19.97 4.00 -13.43
N ASP A 306 -21.22 3.77 -13.86
CA ASP A 306 -22.38 4.40 -13.24
C ASP A 306 -22.30 5.91 -13.34
N GLY A 307 -21.87 6.40 -14.51
CA GLY A 307 -21.72 7.82 -14.72
C GLY A 307 -20.45 8.39 -14.12
N ARG A 308 -19.81 7.61 -13.25
CA ARG A 308 -18.56 8.00 -12.58
C ARG A 308 -17.34 7.81 -13.45
N LYS A 309 -16.42 8.75 -13.42
CA LYS A 309 -15.11 8.52 -13.99
C LYS A 309 -14.18 7.92 -12.92
N ILE A 310 -13.74 6.69 -13.11
CA ILE A 310 -12.95 6.03 -12.08
C ILE A 310 -11.64 5.49 -12.62
N VAL A 311 -10.68 5.27 -11.73
CA VAL A 311 -9.34 4.83 -12.13
C VAL A 311 -8.86 3.63 -11.33
N PHE A 312 -8.71 2.49 -12.00
CA PHE A 312 -8.13 1.30 -11.39
C PHE A 312 -6.63 1.37 -11.46
N VAL A 313 -5.96 1.29 -10.32
CA VAL A 313 -4.51 1.25 -10.34
C VAL A 313 -4.06 -0.18 -10.16
N PRO A 314 -3.30 -0.71 -11.14
CA PRO A 314 -2.88 -2.11 -11.01
C PRO A 314 -2.15 -2.33 -9.70
N GLY A 315 -2.67 -3.28 -8.92
CA GLY A 315 -2.08 -3.58 -7.63
C GLY A 315 -2.91 -3.12 -6.46
N CYS A 316 -3.91 -2.28 -6.68
CA CYS A 316 -4.62 -1.66 -5.54
C CYS A 316 -5.97 -2.27 -5.30
N SER A 317 -6.43 -2.27 -4.06
CA SER A 317 -7.69 -2.93 -3.71
C SER A 317 -8.93 -2.13 -4.14
N ILE A 318 -8.74 -0.83 -4.34
CA ILE A 318 -9.84 0.07 -4.72
C ILE A 318 -9.51 1.02 -5.84
N PRO A 319 -10.52 1.36 -6.63
CA PRO A 319 -10.29 2.39 -7.64
C PRO A 319 -10.43 3.79 -7.04
N LEU A 320 -9.77 4.75 -7.67
CA LEU A 320 -10.00 6.16 -7.38
C LEU A 320 -11.23 6.66 -8.14
N THR A 321 -12.14 7.33 -7.45
CA THR A 321 -13.23 8.01 -8.15
C THR A 321 -12.86 9.45 -8.37
N ILE A 322 -12.61 9.84 -9.61
CA ILE A 322 -12.15 11.19 -9.83
C ILE A 322 -13.25 12.13 -10.34
N VAL A 323 -14.36 11.60 -10.82
CA VAL A 323 -15.54 12.41 -11.08
C VAL A 323 -16.80 11.61 -10.81
N LYS A 324 -17.66 12.17 -9.97
CA LYS A 324 -18.94 11.57 -9.61
C LYS A 324 -19.89 11.66 -10.80
N SER A 325 -21.04 10.97 -10.74
CA SER A 325 -22.03 11.04 -11.82
C SER A 325 -22.44 12.48 -12.15
N ASP A 326 -22.48 13.34 -11.14
CA ASP A 326 -22.98 14.69 -11.33
C ASP A 326 -21.93 15.68 -11.82
N GLY A 327 -20.72 15.19 -12.06
CA GLY A 327 -19.63 16.03 -12.54
C GLY A 327 -18.80 16.62 -11.42
N GLY A 328 -19.17 16.31 -10.18
CA GLY A 328 -18.46 16.83 -9.03
C GLY A 328 -17.16 16.10 -8.70
N TYR A 329 -16.13 16.87 -8.39
CA TYR A 329 -14.84 16.32 -8.05
C TYR A 329 -14.83 15.78 -6.64
N THR A 330 -13.85 14.90 -6.36
CA THR A 330 -13.80 14.23 -5.06
C THR A 330 -12.47 14.46 -4.33
N TYR A 331 -12.43 13.99 -3.09
CA TYR A 331 -11.22 13.88 -2.30
C TYR A 331 -10.07 13.19 -3.05
N ASP A 332 -10.39 12.20 -3.89
CA ASP A 332 -9.39 11.54 -4.74
C ASP A 332 -8.89 12.54 -5.78
N THR A 333 -9.83 13.30 -6.35
CA THR A 333 -9.47 14.28 -7.37
C THR A 333 -8.52 15.34 -6.81
N SER A 334 -8.81 15.87 -5.64
CA SER A 334 -7.95 16.93 -5.12
C SER A 334 -6.59 16.40 -4.65
N ASP A 335 -6.57 15.20 -4.08
CA ASP A 335 -5.29 14.63 -3.63
C ASP A 335 -4.41 14.41 -4.85
N LEU A 336 -5.02 14.00 -5.96
CA LEU A 336 -4.28 13.86 -7.21
C LEU A 336 -3.77 15.21 -7.76
N ALA A 337 -4.63 16.24 -7.78
CA ALA A 337 -4.19 17.59 -8.16
C ALA A 337 -3.08 18.11 -7.23
N ALA A 338 -3.28 17.95 -5.92
CA ALA A 338 -2.33 18.43 -4.92
C ALA A 338 -0.96 17.74 -5.00
N ILE A 339 -0.93 16.42 -5.22
CA ILE A 339 0.36 15.74 -5.26
C ILE A 339 1.08 16.10 -6.53
N LYS A 340 0.33 16.41 -7.59
CA LYS A 340 1.00 16.76 -8.82
C LYS A 340 1.64 18.14 -8.73
N GLN A 341 0.93 19.12 -8.18
CA GLN A 341 1.49 20.48 -8.14
C GLN A 341 2.68 20.55 -7.20
N ARG A 342 2.66 19.72 -6.15
CA ARG A 342 3.79 19.64 -5.21
C ARG A 342 5.03 19.05 -5.87
N LEU A 343 4.83 18.15 -6.84
CA LEU A 343 5.94 17.55 -7.55
C LEU A 343 6.48 18.49 -8.61
N PHE A 344 5.60 19.15 -9.34
CA PHE A 344 6.03 20.00 -10.46
C PHE A 344 6.19 21.51 -10.13
N GLU A 345 5.23 22.11 -9.43
CA GLU A 345 5.34 23.53 -9.11
C GLU A 345 6.25 23.77 -7.91
N GLU A 346 5.97 23.07 -6.82
CA GLU A 346 6.73 23.18 -5.61
C GLU A 346 8.09 22.49 -5.72
N LYS A 347 8.22 21.58 -6.68
CA LYS A 347 9.47 20.87 -6.92
C LYS A 347 9.99 20.22 -5.64
N ALA A 348 9.08 19.64 -4.87
CA ALA A 348 9.44 18.99 -3.60
C ALA A 348 10.39 17.81 -3.77
N ASP A 349 11.39 17.71 -2.90
CA ASP A 349 12.24 16.54 -2.82
C ASP A 349 11.63 15.49 -1.90
N MET A 350 10.69 15.91 -1.05
CA MET A 350 10.00 15.01 -0.15
C MET A 350 8.60 15.54 0.17
N ILE A 351 7.59 14.66 0.19
CA ILE A 351 6.26 15.08 0.60
C ILE A 351 5.81 14.14 1.70
N ILE A 352 5.45 14.72 2.84
CA ILE A 352 5.08 13.98 4.02
C ILE A 352 3.61 14.22 4.36
N TYR A 353 2.81 13.16 4.36
CA TYR A 353 1.39 13.25 4.67
C TYR A 353 1.12 12.75 6.09
N VAL A 354 0.76 13.65 6.99
CA VAL A 354 0.52 13.28 8.37
C VAL A 354 -0.98 13.09 8.58
N VAL A 355 -1.46 11.86 8.35
CA VAL A 355 -2.90 11.59 8.36
C VAL A 355 -3.20 10.31 9.10
N ASP A 356 -4.43 10.16 9.59
CA ASP A 356 -4.78 8.99 10.39
C ASP A 356 -4.64 7.71 9.57
N ASN A 357 -4.26 6.63 10.24
CA ASN A 357 -4.00 5.38 9.53
C ASN A 357 -5.22 4.83 8.79
N GLY A 358 -6.41 5.26 9.19
CA GLY A 358 -7.60 4.91 8.46
C GLY A 358 -7.57 5.27 6.97
N GLN A 359 -6.58 6.05 6.56
CA GLN A 359 -6.52 6.55 5.20
C GLN A 359 -5.33 5.98 4.44
N SER A 360 -4.69 4.97 5.04
CA SER A 360 -3.57 4.25 4.42
C SER A 360 -3.86 3.80 3.01
N VAL A 361 -5.01 3.14 2.85
CA VAL A 361 -5.37 2.60 1.57
C VAL A 361 -5.46 3.76 0.59
N HIS A 362 -6.21 4.77 0.99
CA HIS A 362 -6.30 6.00 0.23
C HIS A 362 -4.94 6.54 -0.24
N PHE A 363 -3.99 6.74 0.65
CA PHE A 363 -2.75 7.34 0.19
C PHE A 363 -1.90 6.37 -0.58
N GLN A 364 -1.91 5.10 -0.19
CA GLN A 364 -1.25 4.07 -1.01
C GLN A 364 -1.72 4.07 -2.48
N THR A 365 -3.04 4.17 -2.70
CA THR A 365 -3.58 4.17 -4.08
C THR A 365 -3.19 5.43 -4.85
N ILE A 366 -3.29 6.59 -4.16
CA ILE A 366 -2.92 7.89 -4.71
C ILE A 366 -1.45 7.92 -5.15
N PHE A 367 -0.56 7.46 -4.28
CA PHE A 367 0.87 7.37 -4.65
C PHE A 367 1.05 6.44 -5.83
N ALA A 368 0.39 5.28 -5.78
CA ALA A 368 0.46 4.30 -6.88
C ALA A 368 -0.02 4.95 -8.16
N ALA A 369 -1.13 5.69 -8.07
CA ALA A 369 -1.69 6.39 -9.22
C ALA A 369 -0.70 7.39 -9.79
N ALA A 370 0.01 8.09 -8.89
CA ALA A 370 0.96 9.11 -9.30
C ALA A 370 2.18 8.48 -9.99
N GLN A 371 2.63 7.33 -9.52
CA GLN A 371 3.73 6.65 -10.18
C GLN A 371 3.28 6.09 -11.53
N MET A 372 2.10 5.49 -11.54
CA MET A 372 1.52 4.90 -12.74
C MET A 372 1.50 5.88 -13.91
N ILE A 373 1.09 7.12 -13.64
CA ILE A 373 1.05 8.15 -14.69
C ILE A 373 2.40 8.86 -14.83
N GLY A 374 3.38 8.47 -14.00
CA GLY A 374 4.75 8.91 -14.17
C GLY A 374 5.12 10.26 -13.57
N TRP A 375 4.34 10.73 -12.61
CA TRP A 375 4.61 12.03 -12.00
C TRP A 375 5.88 12.01 -11.15
N TYR A 376 6.19 10.84 -10.58
CA TYR A 376 7.43 10.74 -9.80
C TYR A 376 7.93 9.31 -9.64
N ASP A 377 9.22 9.19 -9.33
CA ASP A 377 9.87 7.91 -9.06
C ASP A 377 10.24 7.83 -7.58
N PRO A 378 9.62 6.89 -6.86
CA PRO A 378 9.80 6.79 -5.41
C PRO A 378 11.27 6.62 -5.00
N LYS A 379 12.14 6.32 -5.95
CA LYS A 379 13.56 6.24 -5.66
C LYS A 379 14.21 7.62 -5.69
N VAL A 380 13.55 8.56 -6.36
CA VAL A 380 14.12 9.90 -6.51
C VAL A 380 13.45 10.96 -5.63
N THR A 381 12.16 10.76 -5.38
CA THR A 381 11.40 11.68 -4.58
C THR A 381 10.78 10.89 -3.42
N ARG A 382 10.96 11.34 -2.19
CA ARG A 382 10.34 10.67 -1.05
C ARG A 382 8.92 11.12 -0.87
N VAL A 383 7.99 10.19 -1.00
CA VAL A 383 6.60 10.47 -0.70
C VAL A 383 6.18 9.45 0.34
N PHE A 384 5.65 9.96 1.43
CA PHE A 384 5.64 9.26 2.71
C PHE A 384 4.33 9.58 3.44
N HIS A 385 3.53 8.56 3.71
CA HIS A 385 2.38 8.71 4.60
C HIS A 385 2.80 8.35 6.01
N ALA A 386 2.79 9.35 6.88
CA ALA A 386 3.11 9.17 8.29
C ALA A 386 1.82 9.03 9.07
N GLY A 387 1.39 7.79 9.26
CA GLY A 387 0.08 7.57 9.85
C GLY A 387 0.11 7.50 11.36
N PHE A 388 -1.07 7.50 11.96
CA PHE A 388 -1.17 7.41 13.40
C PHE A 388 -2.48 6.73 13.78
N GLY A 389 -2.47 6.00 14.89
CA GLY A 389 -3.63 5.26 15.35
C GLY A 389 -4.67 6.18 15.93
N VAL A 390 -5.77 5.64 16.41
CA VAL A 390 -6.87 6.49 16.84
C VAL A 390 -6.72 6.92 18.28
N VAL A 391 -7.45 7.97 18.64
CA VAL A 391 -7.40 8.43 20.02
C VAL A 391 -8.51 7.81 20.84
N LEU A 392 -8.12 7.16 21.94
CA LEU A 392 -9.04 6.43 22.82
C LEU A 392 -9.11 7.09 24.18
N GLY A 393 -10.25 6.91 24.84
CA GLY A 393 -10.39 7.25 26.26
C GLY A 393 -9.78 6.15 27.10
N GLU A 394 -9.93 6.23 28.42
CA GLU A 394 -9.37 5.23 29.31
C GLU A 394 -10.16 3.90 29.24
N ASP A 395 -11.27 3.92 28.51
CA ASP A 395 -12.09 2.72 28.27
C ASP A 395 -11.71 1.96 27.01
N LYS A 396 -10.68 2.44 26.31
CA LYS A 396 -10.20 1.82 25.08
C LYS A 396 -11.18 1.92 23.90
N LYS A 397 -12.22 2.77 24.04
CA LYS A 397 -13.14 3.10 22.94
C LYS A 397 -12.86 4.50 22.42
N LYS A 398 -13.40 4.83 21.26
CA LYS A 398 -13.12 6.11 20.63
C LYS A 398 -13.36 7.30 21.54
N PHE A 399 -12.32 8.10 21.74
CA PHE A 399 -12.37 9.32 22.52
C PHE A 399 -13.48 10.25 22.05
N LYS A 400 -14.50 10.41 22.87
CA LYS A 400 -15.65 11.21 22.51
C LYS A 400 -16.10 11.94 23.76
N THR A 401 -17.14 12.72 23.65
CA THR A 401 -17.71 13.31 24.84
C THR A 401 -19.09 12.75 25.09
N ARG A 402 -19.29 12.24 26.29
CA ARG A 402 -20.57 11.70 26.72
C ARG A 402 -21.69 12.74 26.63
N SER A 403 -22.54 12.64 25.61
CA SER A 403 -22.46 11.55 24.63
C SER A 403 -23.14 11.96 23.33
N GLY A 404 -22.66 11.42 22.21
CA GLY A 404 -21.45 10.64 22.16
C GLY A 404 -20.69 11.32 21.05
N GLU A 405 -20.41 12.59 21.31
CA GLU A 405 -20.10 13.52 20.26
C GLU A 405 -18.66 13.99 20.31
N THR A 406 -18.25 14.72 19.28
CA THR A 406 -16.87 15.13 19.13
C THR A 406 -16.53 16.17 20.18
N VAL A 407 -15.32 16.10 20.70
CA VAL A 407 -14.92 16.97 21.78
C VAL A 407 -14.25 18.20 21.22
N ARG A 408 -14.65 19.38 21.71
CA ARG A 408 -14.02 20.62 21.31
C ARG A 408 -12.55 20.65 21.76
N LEU A 409 -11.66 20.90 20.82
CA LEU A 409 -10.25 20.91 21.13
C LEU A 409 -10.00 22.00 22.13
N MET A 410 -10.69 23.13 22.01
CA MET A 410 -10.48 24.24 22.92
C MET A 410 -10.87 23.86 24.35
N ASP A 411 -11.97 23.10 24.48
CA ASP A 411 -12.33 22.49 25.77
C ASP A 411 -11.22 21.58 26.29
N LEU A 412 -10.69 20.75 25.41
CA LEU A 412 -9.64 19.83 25.79
C LEU A 412 -8.47 20.62 26.35
N LEU A 413 -8.08 21.66 25.61
CA LEU A 413 -6.98 22.53 26.01
C LEU A 413 -7.31 23.27 27.29
N GLY A 414 -8.53 23.77 27.39
CA GLY A 414 -8.95 24.49 28.58
C GLY A 414 -8.84 23.61 29.82
N GLU A 415 -9.27 22.36 29.69
CA GLU A 415 -9.17 21.41 30.79
C GLU A 415 -7.71 21.12 31.18
N GLY A 416 -6.81 21.16 30.20
CA GLY A 416 -5.39 21.08 30.49
C GLY A 416 -4.89 22.27 31.32
N LEU A 417 -5.23 23.48 30.90
CA LEU A 417 -4.78 24.68 31.61
C LEU A 417 -5.29 24.68 33.05
N LYS A 418 -6.55 24.28 33.22
CA LYS A 418 -7.12 24.15 34.55
C LYS A 418 -6.33 23.17 35.43
N ARG A 419 -6.14 21.94 34.95
CA ARG A 419 -5.46 20.95 35.76
C ARG A 419 -4.02 21.31 36.03
N SER A 420 -3.40 22.03 35.11
CA SER A 420 -2.02 22.41 35.33
C SER A 420 -1.89 23.41 36.48
N MET A 421 -2.81 24.38 36.51
CA MET A 421 -2.81 25.40 37.54
C MET A 421 -3.05 24.74 38.88
N ASP A 422 -3.99 23.81 38.88
CA ASP A 422 -4.28 23.04 40.06
C ASP A 422 -3.03 22.38 40.62
N LYS A 423 -2.25 21.72 39.77
CA LYS A 423 -1.01 21.13 40.23
C LYS A 423 -0.14 22.16 40.92
N LEU A 424 -0.07 23.33 40.32
CA LEU A 424 0.85 24.36 40.77
C LEU A 424 0.46 24.96 42.11
N LYS A 425 -0.82 24.89 42.46
CA LYS A 425 -1.28 25.54 43.69
C LYS A 425 -1.03 24.69 44.94
N GLU A 426 -0.10 23.73 44.84
CA GLU A 426 0.58 23.18 46.01
C GLU A 426 2.07 23.20 45.75
N LYS A 427 2.72 24.29 46.18
CA LYS A 427 1.99 25.47 46.63
C LYS A 427 2.64 26.67 45.99
N GLU A 428 2.84 26.57 44.68
CA GLU A 428 3.78 27.41 43.96
C GLU A 428 3.24 28.80 43.55
N ARG A 429 1.97 29.04 43.83
CA ARG A 429 1.43 30.37 43.66
C ARG A 429 2.15 31.41 44.56
N ASP A 430 2.93 30.92 45.53
CA ASP A 430 3.61 31.81 46.48
C ASP A 430 5.11 31.98 46.28
N LYS A 431 5.69 31.23 45.36
CA LYS A 431 7.10 31.44 45.07
C LYS A 431 7.28 32.28 43.82
N VAL A 432 6.49 32.00 42.79
CA VAL A 432 6.78 32.56 41.48
C VAL A 432 5.95 33.83 41.17
N LEU A 433 6.51 34.72 40.34
CA LEU A 433 5.78 35.85 39.77
C LEU A 433 4.46 35.40 39.21
N THR A 434 3.53 36.30 39.07
CA THR A 434 2.30 35.96 38.39
C THR A 434 2.58 35.60 36.93
N ALA A 435 3.59 36.21 36.33
CA ALA A 435 3.94 35.85 34.97
C ALA A 435 4.58 34.47 34.96
N GLU A 436 5.55 34.24 35.85
CA GLU A 436 6.21 32.96 35.97
C GLU A 436 5.20 31.84 36.11
N GLU A 437 4.17 32.10 36.91
CA GLU A 437 3.22 31.05 37.20
C GLU A 437 1.97 31.20 36.40
N LEU A 438 1.16 32.18 36.81
CA LEU A 438 -0.17 32.47 36.25
C LEU A 438 -0.15 32.52 34.73
N ASN A 439 0.95 32.07 34.15
CA ASN A 439 0.93 31.62 32.77
C ASN A 439 2.10 30.68 32.46
N ALA A 440 3.32 31.13 32.72
CA ALA A 440 4.47 30.49 32.13
C ALA A 440 4.51 29.01 32.45
N ALA A 441 4.46 28.67 33.74
CA ALA A 441 4.47 27.29 34.18
C ALA A 441 3.18 26.56 33.82
N GLN A 442 2.05 27.23 34.05
CA GLN A 442 0.76 26.60 33.77
C GLN A 442 0.63 26.21 32.31
N THR A 443 0.82 27.15 31.38
CA THR A 443 0.66 26.87 29.96
C THR A 443 1.71 25.90 29.47
N SER A 444 2.95 26.07 29.93
CA SER A 444 4.07 25.24 29.52
C SER A 444 3.85 23.76 29.84
N VAL A 445 3.41 23.50 31.05
CA VAL A 445 3.11 22.14 31.47
C VAL A 445 1.87 21.58 30.75
N ALA A 446 0.80 22.36 30.71
CA ALA A 446 -0.44 21.88 30.10
C ALA A 446 -0.21 21.46 28.64
N TYR A 447 0.24 22.40 27.82
CA TYR A 447 0.50 22.12 26.42
C TYR A 447 1.62 21.11 26.20
N GLY A 448 2.64 21.17 27.04
CA GLY A 448 3.77 20.24 26.95
C GLY A 448 3.34 18.80 27.19
N CYS A 449 2.46 18.61 28.16
CA CYS A 449 1.97 17.30 28.51
C CYS A 449 0.99 16.78 27.44
N ILE A 450 0.20 17.68 26.86
CA ILE A 450 -0.72 17.27 25.80
C ILE A 450 0.10 16.85 24.58
N LYS A 451 1.15 17.59 24.27
CA LYS A 451 2.04 17.19 23.20
C LYS A 451 2.87 15.95 23.57
N TYR A 452 3.53 15.98 24.73
CA TYR A 452 4.48 14.92 25.09
C TYR A 452 3.81 13.53 25.20
N ALA A 453 2.60 13.51 25.74
CA ALA A 453 1.85 12.27 25.93
C ALA A 453 1.56 11.59 24.58
N ASP A 454 1.30 12.39 23.55
CA ASP A 454 1.14 11.86 22.20
C ASP A 454 2.48 11.39 21.62
N LEU A 455 3.39 12.33 21.42
CA LEU A 455 4.62 12.08 20.70
C LEU A 455 5.55 11.05 21.36
N SER A 456 5.38 10.78 22.65
CA SER A 456 6.34 9.93 23.36
C SER A 456 6.02 8.46 23.15
N ARG A 457 4.91 8.19 22.48
CA ARG A 457 4.53 6.83 22.12
C ARG A 457 4.59 6.66 20.58
N ASN A 458 4.85 5.45 20.09
CA ASN A 458 4.82 5.22 18.65
C ASN A 458 3.52 5.77 18.05
N ARG A 459 3.66 6.66 17.06
CA ARG A 459 2.52 7.33 16.47
C ARG A 459 1.49 6.33 15.91
N LEU A 460 2.00 5.22 15.38
CA LEU A 460 1.18 4.15 14.79
C LEU A 460 0.17 3.54 15.76
N ASN A 461 0.54 3.44 17.03
CA ASN A 461 -0.31 2.78 17.99
C ASN A 461 -1.46 3.66 18.39
N ASP A 462 -2.54 3.05 18.83
CA ASP A 462 -3.64 3.79 19.39
C ASP A 462 -3.15 4.53 20.61
N TYR A 463 -3.80 5.64 20.94
CA TYR A 463 -3.30 6.52 21.99
C TYR A 463 -4.39 6.79 23.00
N ILE A 464 -4.12 6.38 24.23
CA ILE A 464 -5.05 6.63 25.31
C ILE A 464 -4.82 8.02 25.87
N PHE A 465 -5.77 8.92 25.63
CA PHE A 465 -5.65 10.27 26.13
C PHE A 465 -6.08 10.33 27.57
N SER A 466 -5.11 10.55 28.46
CA SER A 466 -5.38 10.58 29.88
C SER A 466 -4.75 11.80 30.58
N PHE A 467 -5.57 12.72 31.10
CA PHE A 467 -5.04 13.86 31.84
C PHE A 467 -4.23 13.42 33.05
N ASP A 468 -4.70 12.40 33.77
CA ASP A 468 -3.97 11.92 34.96
C ASP A 468 -2.61 11.32 34.60
N LYS A 469 -2.55 10.42 33.62
CA LYS A 469 -1.27 9.83 33.28
C LYS A 469 -0.30 10.91 32.80
N MET A 470 -0.77 11.82 31.93
CA MET A 470 0.14 12.77 31.29
C MET A 470 0.65 13.86 32.26
N LEU A 471 -0.16 14.23 33.25
CA LEU A 471 0.21 15.31 34.17
C LEU A 471 1.03 14.84 35.38
N ASP A 472 1.16 13.53 35.51
CA ASP A 472 1.90 12.92 36.61
C ASP A 472 3.34 13.43 36.73
N ASP A 473 3.79 13.72 37.95
CA ASP A 473 5.12 14.31 38.17
C ASP A 473 6.31 13.37 38.02
N ARG A 474 6.10 12.07 38.12
CA ARG A 474 7.22 11.15 38.04
C ARG A 474 7.14 10.30 36.76
N GLY A 475 8.30 9.89 36.24
CA GLY A 475 8.33 9.05 35.05
C GLY A 475 8.38 9.83 33.74
N ASN A 476 8.04 9.17 32.64
CA ASN A 476 8.19 9.77 31.31
C ASN A 476 7.04 10.72 30.95
N THR A 477 6.98 11.86 31.62
CA THR A 477 5.98 12.87 31.25
C THR A 477 6.67 14.21 31.01
N ALA A 478 5.94 15.17 30.45
CA ALA A 478 6.47 16.51 30.32
C ALA A 478 6.56 17.19 31.69
N ALA A 479 5.67 16.80 32.61
CA ALA A 479 5.71 17.35 33.96
C ALA A 479 7.03 16.98 34.65
N TYR A 480 7.45 15.72 34.53
CA TYR A 480 8.75 15.38 35.09
C TYR A 480 9.85 16.12 34.34
N LEU A 481 9.80 16.06 33.02
CA LEU A 481 10.95 16.56 32.27
C LEU A 481 11.12 18.07 32.38
N LEU A 482 10.02 18.80 32.40
CA LEU A 482 10.07 20.25 32.45
C LEU A 482 10.60 20.69 33.80
N TYR A 483 10.20 19.95 34.83
CA TYR A 483 10.72 20.14 36.16
C TYR A 483 12.22 19.78 36.26
N ALA A 484 12.61 18.68 35.65
CA ALA A 484 14.01 18.28 35.66
C ALA A 484 14.82 19.34 34.98
N PHE A 485 14.24 19.94 33.95
CA PHE A 485 14.91 21.04 33.23
C PHE A 485 15.12 22.26 34.13
N THR A 486 14.11 22.64 34.92
CA THR A 486 14.25 23.78 35.80
C THR A 486 15.35 23.49 36.83
N ARG A 487 15.47 22.23 37.26
CA ARG A 487 16.48 21.93 38.27
C ARG A 487 17.86 22.09 37.69
N ILE A 488 18.04 21.59 36.48
CA ILE A 488 19.33 21.67 35.84
C ILE A 488 19.77 23.11 35.64
N ARG A 489 18.82 24.00 35.38
CA ARG A 489 19.15 25.41 35.20
C ARG A 489 19.47 26.03 36.55
N SER A 490 18.83 25.52 37.59
CA SER A 490 18.91 26.14 38.91
C SER A 490 20.32 26.03 39.50
N ILE A 491 21.04 24.99 39.13
CA ILE A 491 22.38 24.79 39.66
C ILE A 491 23.27 26.01 39.45
N ALA A 492 23.42 26.47 38.22
CA ALA A 492 24.22 27.67 37.96
C ALA A 492 23.54 28.92 38.55
N ARG A 493 22.21 28.93 38.50
CA ARG A 493 21.42 30.02 39.07
C ARG A 493 21.78 30.23 40.54
N LEU A 494 21.67 29.15 41.32
CA LEU A 494 21.87 29.17 42.77
C LEU A 494 23.35 29.17 43.17
N ALA A 495 24.24 29.42 42.23
CA ALA A 495 25.64 29.55 42.54
C ALA A 495 26.11 30.85 41.92
N ASN A 496 25.16 31.73 41.63
CA ASN A 496 25.43 33.05 41.04
C ASN A 496 26.45 33.00 39.91
N ILE A 497 26.33 31.99 39.05
CA ILE A 497 27.17 31.92 37.86
C ILE A 497 26.34 32.28 36.65
N ASP A 498 26.30 33.57 36.33
CA ASP A 498 25.41 34.08 35.29
C ASP A 498 25.81 33.65 33.89
N GLU A 499 25.08 34.15 32.89
CA GLU A 499 25.28 33.71 31.52
C GLU A 499 26.60 34.21 30.94
N GLU A 500 27.13 35.29 31.48
CA GLU A 500 28.43 35.77 31.02
C GLU A 500 29.59 34.95 31.57
N MET A 501 29.46 34.50 32.81
CA MET A 501 30.48 33.64 33.41
C MET A 501 30.53 32.28 32.70
N LEU A 502 29.35 31.70 32.49
CA LEU A 502 29.21 30.42 31.83
C LEU A 502 29.76 30.46 30.39
N GLN A 503 29.42 31.52 29.66
CA GLN A 503 29.93 31.66 28.32
C GLN A 503 31.45 31.80 28.32
N LYS A 504 31.95 32.60 29.25
CA LYS A 504 33.38 32.74 29.45
C LYS A 504 34.02 31.39 29.77
N ALA A 505 33.51 30.72 30.81
CA ALA A 505 34.03 29.41 31.20
C ALA A 505 34.05 28.43 30.02
N ALA A 506 33.03 28.52 29.17
CA ALA A 506 32.91 27.62 28.02
C ALA A 506 34.12 27.73 27.10
N ARG A 507 34.63 28.95 26.95
CA ARG A 507 35.73 29.22 26.04
C ARG A 507 37.09 28.84 26.66
N GLU A 508 37.10 28.59 27.96
CA GLU A 508 38.37 28.40 28.66
C GLU A 508 38.50 27.08 29.40
N THR A 509 37.41 26.59 29.98
CA THR A 509 37.45 25.38 30.78
C THR A 509 37.57 24.11 29.92
N LYS A 510 38.52 23.25 30.28
CA LYS A 510 38.66 21.93 29.67
C LYS A 510 37.74 20.98 30.39
N ILE A 511 36.65 20.58 29.74
CA ILE A 511 35.64 19.78 30.41
C ILE A 511 36.20 18.41 30.70
N LEU A 512 36.09 18.00 31.96
CA LEU A 512 36.74 16.78 32.43
C LEU A 512 35.77 15.60 32.58
N LEU A 513 36.22 14.42 32.21
CA LEU A 513 35.31 13.28 32.12
C LEU A 513 35.87 12.01 32.76
N ASP A 514 36.60 12.17 33.86
CA ASP A 514 37.25 11.05 34.52
C ASP A 514 36.23 10.18 35.28
N HIS A 515 35.18 10.79 35.82
CA HIS A 515 34.19 10.02 36.58
C HIS A 515 33.31 9.16 35.64
N GLU A 516 32.96 7.98 36.11
CA GLU A 516 32.05 7.09 35.39
C GLU A 516 30.77 7.82 34.95
N LYS A 517 30.18 8.59 35.84
CA LYS A 517 28.93 9.24 35.50
C LYS A 517 29.13 10.49 34.63
N GLU A 518 30.27 11.15 34.69
CA GLU A 518 30.43 12.27 33.75
C GLU A 518 30.74 11.73 32.36
N TRP A 519 31.30 10.54 32.28
CA TRP A 519 31.55 9.90 31.01
C TRP A 519 30.26 9.34 30.38
N LYS A 520 29.45 8.67 31.19
CA LYS A 520 28.14 8.25 30.71
C LYS A 520 27.38 9.46 30.18
N LEU A 521 27.31 10.51 30.99
CA LEU A 521 26.54 11.70 30.65
C LEU A 521 27.06 12.43 29.41
N GLY A 522 28.38 12.62 29.34
CA GLY A 522 28.97 13.26 28.20
C GLY A 522 28.65 12.56 26.90
N ARG A 523 28.77 11.23 26.87
CA ARG A 523 28.58 10.51 25.62
C ARG A 523 27.10 10.42 25.26
N CYS A 524 26.25 10.50 26.25
CA CYS A 524 24.82 10.55 26.01
C CYS A 524 24.45 11.88 25.33
N ILE A 525 24.94 12.97 25.88
CA ILE A 525 24.71 14.28 25.29
C ILE A 525 25.10 14.26 23.83
N LEU A 526 26.20 13.60 23.51
CA LEU A 526 26.71 13.70 22.16
C LEU A 526 25.96 12.80 21.17
N ARG A 527 24.97 12.05 21.68
CA ARG A 527 24.15 11.18 20.83
C ARG A 527 22.98 11.91 20.17
N PHE A 528 22.74 13.15 20.58
CA PHE A 528 21.62 13.92 20.06
C PHE A 528 21.51 13.91 18.52
N PRO A 529 22.63 14.15 17.81
CA PRO A 529 22.54 14.25 16.35
C PRO A 529 22.12 12.91 15.70
N GLU A 530 22.67 11.80 16.20
CA GLU A 530 22.40 10.46 15.69
C GLU A 530 20.94 10.07 15.95
N ILE A 531 20.39 10.46 17.09
CA ILE A 531 18.99 10.25 17.36
C ILE A 531 18.11 10.92 16.30
N LEU A 532 18.34 12.20 16.05
CA LEU A 532 17.56 12.97 15.11
C LEU A 532 17.63 12.42 13.67
N GLN A 533 18.82 12.00 13.25
CA GLN A 533 19.00 11.56 11.89
C GLN A 533 18.20 10.27 11.64
N LYS A 534 18.10 9.43 12.65
CA LYS A 534 17.30 8.24 12.52
C LYS A 534 15.83 8.62 12.38
N ILE A 535 15.44 9.74 12.97
CA ILE A 535 14.04 10.12 12.96
C ILE A 535 13.70 10.71 11.61
N LEU A 536 14.67 11.33 10.96
CA LEU A 536 14.43 11.78 9.58
C LEU A 536 14.07 10.62 8.64
N ASP A 537 14.41 9.39 9.02
CA ASP A 537 14.21 8.22 8.17
C ASP A 537 12.90 7.50 8.46
N ASP A 538 12.56 7.37 9.74
CA ASP A 538 11.33 6.66 10.08
C ASP A 538 10.21 7.58 10.57
N LEU A 539 10.54 8.84 10.78
CA LEU A 539 9.58 9.80 11.32
C LEU A 539 8.92 9.24 12.56
N PHE A 540 9.70 8.59 13.42
CA PHE A 540 9.24 8.13 14.73
C PHE A 540 9.77 9.05 15.85
N LEU A 541 9.02 10.09 16.17
CA LEU A 541 9.46 11.09 17.15
C LEU A 541 9.58 10.55 18.58
N HIS A 542 8.96 9.40 18.86
CA HIS A 542 9.00 8.85 20.21
C HIS A 542 10.41 8.46 20.64
N THR A 543 11.33 8.30 19.71
CA THR A 543 12.67 7.95 20.14
C THR A 543 13.43 9.20 20.58
N LEU A 544 13.00 10.36 20.08
CA LEU A 544 13.52 11.63 20.60
C LEU A 544 13.06 11.82 22.05
N CYS A 545 11.78 11.55 22.32
CA CYS A 545 11.32 11.54 23.69
C CYS A 545 12.12 10.58 24.54
N ASP A 546 12.25 9.34 24.08
CA ASP A 546 12.97 8.34 24.84
C ASP A 546 14.35 8.85 25.16
N TYR A 547 14.94 9.59 24.23
CA TYR A 547 16.26 10.16 24.45
C TYR A 547 16.26 11.33 25.46
N ILE A 548 15.25 12.20 25.44
CA ILE A 548 15.18 13.25 26.45
C ILE A 548 15.19 12.61 27.84
N TYR A 549 14.36 11.59 28.00
CA TYR A 549 14.19 10.92 29.27
C TYR A 549 15.47 10.23 29.69
N GLU A 550 16.10 9.59 28.72
CA GLU A 550 17.37 8.95 28.98
C GLU A 550 18.38 10.01 29.47
N LEU A 551 18.31 11.18 28.84
CA LEU A 551 19.27 12.23 29.09
C LEU A 551 19.08 12.77 30.50
N ALA A 552 17.81 12.94 30.89
CA ALA A 552 17.48 13.38 32.23
C ALA A 552 18.00 12.35 33.24
N THR A 553 17.76 11.08 32.98
CA THR A 553 18.21 10.03 33.88
C THR A 553 19.74 10.01 33.98
N ALA A 554 20.42 10.16 32.86
CA ALA A 554 21.87 10.23 32.90
C ALA A 554 22.32 11.39 33.77
N PHE A 555 21.58 12.49 33.75
CA PHE A 555 21.95 13.66 34.53
C PHE A 555 21.79 13.43 36.02
N THR A 556 20.61 13.00 36.44
CA THR A 556 20.37 12.66 37.84
C THR A 556 21.44 11.72 38.39
N GLU A 557 21.85 10.72 37.62
CA GLU A 557 22.90 9.83 38.10
C GLU A 557 24.22 10.57 38.31
N PHE A 558 24.51 11.51 37.41
CA PHE A 558 25.69 12.34 37.53
C PHE A 558 25.67 13.17 38.80
N TYR A 559 24.55 13.86 38.99
CA TYR A 559 24.43 14.83 40.06
C TYR A 559 24.49 14.15 41.42
N ASP A 560 24.01 12.92 41.48
CA ASP A 560 23.97 12.16 42.73
C ASP A 560 25.30 11.48 43.04
N SER A 561 26.29 11.71 42.19
CA SER A 561 27.63 11.16 42.40
C SER A 561 28.72 12.23 42.32
N CYS A 562 28.36 13.42 41.84
CA CYS A 562 29.31 14.50 41.62
C CYS A 562 28.78 15.86 42.07
N TYR A 563 29.48 16.48 43.02
CA TYR A 563 29.16 17.83 43.45
C TYR A 563 29.51 18.82 42.35
N CYS A 564 28.60 19.73 42.05
CA CYS A 564 28.90 20.85 41.15
C CYS A 564 29.40 22.02 41.99
N VAL A 565 28.90 22.09 43.23
CA VAL A 565 29.36 23.05 44.21
C VAL A 565 29.48 22.42 45.59
N GLU A 566 30.57 22.74 46.29
CA GLU A 566 30.73 22.40 47.70
C GLU A 566 30.44 23.66 48.53
N LYS A 567 29.59 23.51 49.54
CA LYS A 567 29.18 24.64 50.39
C LYS A 567 29.80 24.55 51.79
N ASP A 568 30.40 23.39 52.08
CA ASP A 568 31.04 23.10 53.37
C ASP A 568 30.14 23.37 54.56
N ARG A 569 29.22 22.43 54.78
CA ARG A 569 28.46 22.36 56.02
C ARG A 569 27.89 23.69 56.46
N GLN A 570 28.02 23.99 57.75
CA GLN A 570 27.67 25.29 58.29
C GLN A 570 28.62 26.34 57.72
N THR A 571 28.07 27.47 57.28
CA THR A 571 26.64 27.67 57.25
C THR A 571 26.10 27.49 55.83
N GLY A 572 26.68 26.55 55.08
CA GLY A 572 26.24 26.27 53.73
C GLY A 572 26.19 27.50 52.85
N LYS A 573 27.35 28.06 52.56
CA LYS A 573 27.42 29.25 51.73
C LYS A 573 28.53 29.11 50.69
N ILE A 574 28.42 28.06 49.87
CA ILE A 574 29.28 27.81 48.70
C ILE A 574 30.74 27.64 49.17
N LEU A 575 31.66 28.43 48.61
CA LEU A 575 33.13 28.33 48.77
C LEU A 575 33.83 27.28 47.85
N LYS A 576 33.13 26.70 46.87
CA LYS A 576 33.82 26.01 45.75
C LYS A 576 32.91 25.70 44.57
N VAL A 577 33.36 26.05 43.37
CA VAL A 577 32.63 25.79 42.12
C VAL A 577 33.49 25.03 41.10
N ASN A 578 33.16 23.78 40.83
CA ASN A 578 33.81 23.03 39.75
C ASN A 578 33.23 23.44 38.42
N MET A 579 33.91 24.33 37.73
CA MET A 579 33.29 25.00 36.61
C MET A 579 32.98 23.99 35.47
N TRP A 580 33.71 22.88 35.39
CA TRP A 580 33.45 21.91 34.32
C TRP A 580 32.16 21.13 34.56
N ARG A 581 31.81 20.85 35.81
CA ARG A 581 30.56 20.17 36.09
C ARG A 581 29.40 21.14 35.95
N MET A 582 29.70 22.44 36.06
CA MET A 582 28.70 23.46 35.75
C MET A 582 28.40 23.43 34.26
N LEU A 583 29.44 23.30 33.47
CA LEU A 583 29.28 23.33 32.03
C LEU A 583 28.51 22.11 31.56
N LEU A 584 28.77 20.96 32.18
CA LEU A 584 28.04 19.75 31.87
C LEU A 584 26.55 20.00 32.00
N CYS A 585 26.18 20.66 33.09
CA CYS A 585 24.79 21.02 33.32
C CYS A 585 24.26 21.87 32.17
N GLU A 586 25.06 22.80 31.70
CA GLU A 586 24.64 23.66 30.61
C GLU A 586 24.47 22.85 29.33
N ALA A 587 25.42 21.94 29.06
CA ALA A 587 25.34 21.11 27.86
C ALA A 587 24.08 20.25 27.90
N VAL A 588 23.77 19.65 29.05
CA VAL A 588 22.54 18.91 29.18
C VAL A 588 21.30 19.76 28.82
N ALA A 589 21.19 20.96 29.40
CA ALA A 589 20.03 21.81 29.19
C ALA A 589 19.94 22.37 27.79
N ALA A 590 21.10 22.59 27.19
CA ALA A 590 21.12 23.09 25.83
C ALA A 590 20.50 22.02 24.93
N VAL A 591 20.99 20.78 25.03
CA VAL A 591 20.40 19.66 24.31
C VAL A 591 18.94 19.40 24.66
N MET A 592 18.59 19.36 25.94
CA MET A 592 17.18 19.23 26.31
C MET A 592 16.34 20.35 25.71
N ALA A 593 16.92 21.53 25.61
CA ALA A 593 16.14 22.67 25.15
C ALA A 593 15.80 22.51 23.69
N LYS A 594 16.76 22.08 22.88
CA LYS A 594 16.49 21.78 21.49
C LYS A 594 15.43 20.70 21.34
N GLY A 595 15.62 19.60 22.07
CA GLY A 595 14.70 18.47 22.04
C GLY A 595 13.27 18.92 22.27
N PHE A 596 13.05 19.64 23.37
CA PHE A 596 11.74 20.21 23.67
C PHE A 596 11.24 21.07 22.51
N ASP A 597 12.14 21.86 21.95
CA ASP A 597 11.79 22.75 20.89
C ASP A 597 11.32 21.95 19.67
N ILE A 598 12.00 20.86 19.35
CA ILE A 598 11.62 20.03 18.22
C ILE A 598 10.24 19.40 18.43
N LEU A 599 9.88 19.13 19.68
CA LEU A 599 8.59 18.56 20.01
C LEU A 599 7.50 19.63 20.15
N GLY A 600 7.88 20.90 20.01
CA GLY A 600 6.96 22.00 20.23
C GLY A 600 6.71 22.24 21.71
N ILE A 601 7.63 21.79 22.56
CA ILE A 601 7.50 22.02 23.99
C ILE A 601 8.30 23.22 24.46
N LYS A 602 7.65 24.05 25.26
CA LYS A 602 8.22 25.33 25.69
C LYS A 602 8.69 25.23 27.15
N PRO A 603 9.99 24.98 27.36
CA PRO A 603 10.46 24.88 28.74
C PRO A 603 10.40 26.23 29.46
N VAL A 604 10.05 26.25 30.73
CA VAL A 604 10.17 27.47 31.54
C VAL A 604 11.45 27.38 32.34
N GLN A 605 11.86 28.51 32.91
CA GLN A 605 13.06 28.58 33.72
C GLN A 605 12.84 28.25 35.19
N ARG A 606 11.71 28.65 35.76
CA ARG A 606 11.56 28.57 37.22
C ARG A 606 10.52 27.55 37.67
N MET A 607 9.29 27.67 37.18
CA MET A 607 8.26 26.70 37.57
C MET A 607 7.98 26.77 39.07
N ALA B 18 3.30 -15.59 -37.69
CA ALA B 18 2.14 -16.40 -38.08
C ALA B 18 0.98 -16.24 -37.10
N SER B 19 0.94 -15.14 -36.35
CA SER B 19 -0.02 -14.98 -35.26
C SER B 19 -0.90 -13.72 -35.35
N MET B 20 -1.91 -13.65 -34.49
CA MET B 20 -2.89 -12.57 -34.54
C MET B 20 -2.22 -11.24 -34.21
N ILE B 21 -2.76 -10.17 -34.78
CA ILE B 21 -2.16 -8.86 -34.62
C ILE B 21 -2.96 -8.03 -33.63
N ASN B 22 -2.25 -7.38 -32.71
CA ASN B 22 -2.88 -6.42 -31.82
C ASN B 22 -3.08 -5.13 -32.59
N ILE B 23 -4.32 -4.87 -32.96
CA ILE B 23 -4.60 -3.76 -33.83
C ILE B 23 -4.34 -2.43 -33.11
N ILE B 24 -4.75 -2.36 -31.85
CA ILE B 24 -4.47 -1.19 -31.05
C ILE B 24 -2.97 -0.88 -30.98
N SER B 25 -2.13 -1.90 -30.85
CA SER B 25 -0.68 -1.62 -30.86
C SER B 25 -0.20 -1.20 -32.23
N ARG B 26 -0.69 -1.84 -33.28
CA ARG B 26 -0.35 -1.40 -34.64
C ARG B 26 -0.80 0.04 -34.88
N LEU B 27 -2.05 0.32 -34.54
CA LEU B 27 -2.54 1.66 -34.78
C LEU B 27 -1.75 2.65 -33.93
N GLN B 28 -1.42 2.25 -32.71
CA GLN B 28 -0.62 3.13 -31.86
C GLN B 28 0.74 3.37 -32.48
N GLU B 29 1.25 2.35 -33.14
CA GLU B 29 2.55 2.47 -33.79
C GLU B 29 2.43 3.44 -34.96
N VAL B 30 1.34 3.35 -35.70
CA VAL B 30 1.17 4.14 -36.91
C VAL B 30 0.99 5.61 -36.55
N PHE B 31 0.01 5.91 -35.70
CA PHE B 31 -0.20 7.26 -35.23
C PHE B 31 1.02 7.80 -34.52
N GLY B 32 1.74 6.91 -33.84
CA GLY B 32 3.01 7.26 -33.23
C GLY B 32 3.96 7.89 -34.22
N HIS B 33 4.18 7.23 -35.36
CA HIS B 33 5.08 7.80 -36.37
C HIS B 33 4.58 9.15 -36.89
N ALA B 34 3.28 9.29 -37.08
CA ALA B 34 2.71 10.54 -37.54
C ALA B 34 2.99 11.70 -36.56
N ILE B 35 2.60 11.50 -35.30
CA ILE B 35 2.82 12.49 -34.25
C ILE B 35 4.28 12.92 -34.14
N LYS B 36 5.20 11.99 -34.40
CA LYS B 36 6.61 12.35 -34.42
C LYS B 36 6.96 13.31 -35.55
N ALA B 37 6.36 13.10 -36.71
CA ALA B 37 6.62 13.97 -37.87
C ALA B 37 5.97 15.35 -37.69
N ALA B 38 4.71 15.36 -37.27
CA ALA B 38 4.02 16.62 -37.02
C ALA B 38 4.63 17.38 -35.85
N TYR B 39 5.01 16.68 -34.79
CA TYR B 39 5.52 17.37 -33.60
C TYR B 39 6.79 16.74 -33.07
N PRO B 40 7.85 16.81 -33.85
CA PRO B 40 9.14 16.14 -33.62
C PRO B 40 9.82 16.56 -32.33
N ASP B 41 9.41 17.69 -31.76
CA ASP B 41 10.01 18.17 -30.51
C ASP B 41 9.14 17.77 -29.35
N LEU B 42 8.15 16.93 -29.61
CA LEU B 42 7.22 16.57 -28.57
C LEU B 42 7.58 15.22 -27.98
N GLU B 43 7.63 15.16 -26.65
CA GLU B 43 8.10 13.96 -25.97
C GLU B 43 7.00 13.29 -25.19
N ASN B 44 6.95 11.98 -25.26
CA ASN B 44 5.87 11.19 -24.71
C ASN B 44 4.45 11.73 -25.04
N PRO B 45 4.12 11.85 -26.34
CA PRO B 45 2.76 12.25 -26.69
C PRO B 45 1.75 11.16 -26.33
N PRO B 46 0.56 11.53 -25.88
CA PRO B 46 -0.46 10.51 -25.62
C PRO B 46 -0.87 9.78 -26.91
N LEU B 47 -1.11 8.48 -26.82
CA LEU B 47 -1.50 7.68 -27.98
C LEU B 47 -2.73 6.86 -27.70
N LEU B 48 -3.80 7.52 -27.31
CA LEU B 48 -5.00 6.80 -26.96
C LEU B 48 -5.72 6.33 -28.23
N VAL B 49 -5.67 5.02 -28.46
CA VAL B 49 -6.41 4.38 -29.54
C VAL B 49 -7.42 3.43 -28.95
N THR B 50 -8.69 3.57 -29.33
CA THR B 50 -9.71 2.64 -28.85
C THR B 50 -10.71 2.27 -29.95
N PRO B 51 -11.37 1.11 -29.82
CA PRO B 51 -12.36 0.67 -30.78
C PRO B 51 -13.65 1.50 -30.72
N SER B 52 -14.16 1.89 -31.87
CA SER B 52 -15.44 2.58 -31.94
C SER B 52 -16.60 1.69 -31.54
N GLN B 53 -17.49 2.23 -30.70
CA GLN B 53 -18.69 1.52 -30.31
C GLN B 53 -19.72 1.53 -31.44
N GLN B 54 -19.84 2.68 -32.11
CA GLN B 54 -20.77 2.80 -33.22
C GLN B 54 -20.06 2.84 -34.57
N ALA B 55 -20.39 1.88 -35.44
CA ALA B 55 -19.80 1.76 -36.77
C ALA B 55 -19.93 3.04 -37.59
N LYS B 56 -20.88 3.89 -37.20
CA LYS B 56 -21.01 5.25 -37.75
C LYS B 56 -19.66 5.95 -37.87
N PHE B 57 -18.91 5.94 -36.76
CA PHE B 57 -17.69 6.73 -36.62
C PHE B 57 -16.42 5.91 -36.83
N GLY B 58 -16.47 4.96 -37.76
CA GLY B 58 -15.30 4.16 -38.07
C GLY B 58 -15.15 2.92 -37.20
N ASP B 59 -13.95 2.34 -37.24
CA ASP B 59 -13.65 1.10 -36.54
C ASP B 59 -12.82 1.33 -35.26
N TYR B 60 -11.91 2.29 -35.33
CA TYR B 60 -11.07 2.69 -34.21
C TYR B 60 -10.96 4.20 -34.10
N GLN B 61 -10.68 4.66 -32.90
CA GLN B 61 -10.61 6.09 -32.64
C GLN B 61 -9.28 6.41 -32.00
N CYS B 62 -8.61 7.45 -32.49
CA CYS B 62 -7.44 7.96 -31.82
C CYS B 62 -7.74 9.33 -31.23
N ASN B 63 -7.54 9.44 -29.93
CA ASN B 63 -7.85 10.66 -29.20
C ASN B 63 -6.63 11.49 -28.94
N SER B 64 -5.51 11.05 -29.48
CA SER B 64 -4.24 11.62 -29.12
C SER B 64 -4.13 13.17 -29.36
N ALA B 65 -4.97 13.74 -30.23
CA ALA B 65 -4.94 15.19 -30.42
C ALA B 65 -5.60 15.94 -29.25
N MET B 66 -6.60 15.32 -28.64
CA MET B 66 -7.22 15.93 -27.47
C MET B 66 -6.20 16.03 -26.35
N GLY B 67 -5.39 14.98 -26.21
CA GLY B 67 -4.37 14.97 -25.19
C GLY B 67 -3.21 15.89 -25.51
N ILE B 68 -2.84 15.99 -26.78
CA ILE B 68 -1.72 16.85 -27.19
C ILE B 68 -1.97 18.34 -26.99
N SER B 69 -3.15 18.83 -27.35
CA SER B 69 -3.46 20.23 -27.13
C SER B 69 -3.45 20.49 -25.63
N GLN B 70 -3.85 19.47 -24.89
CA GLN B 70 -3.94 19.59 -23.45
C GLN B 70 -2.55 19.67 -22.82
N MET B 71 -1.54 19.18 -23.52
CA MET B 71 -0.15 19.32 -23.10
C MET B 71 0.40 20.72 -23.37
N LEU B 72 0.20 21.22 -24.58
CA LEU B 72 0.76 22.51 -24.96
C LEU B 72 -0.02 23.67 -24.39
N LYS B 73 -1.08 23.33 -23.66
CA LYS B 73 -1.90 24.31 -22.97
C LYS B 73 -1.03 25.16 -22.03
N THR B 74 -1.16 26.48 -22.13
CA THR B 74 -0.56 27.40 -21.15
C THR B 74 -1.67 28.24 -20.55
N LYS B 75 -1.32 29.24 -19.75
CA LYS B 75 -2.31 30.11 -19.12
C LYS B 75 -3.05 30.91 -20.18
N GLU B 76 -2.29 31.32 -21.19
CA GLU B 76 -2.71 32.31 -22.17
C GLU B 76 -3.16 31.71 -23.51
N GLN B 77 -2.77 30.48 -23.80
CA GLN B 77 -2.93 29.89 -25.12
C GLN B 77 -3.58 28.49 -25.08
N LYS B 78 -4.58 28.25 -25.91
CA LYS B 78 -5.15 26.91 -25.97
C LYS B 78 -5.41 26.47 -27.40
N VAL B 79 -4.53 25.61 -27.91
CA VAL B 79 -4.61 25.17 -29.30
C VAL B 79 -5.82 24.28 -29.54
N ASN B 80 -6.51 24.54 -30.64
CA ASN B 80 -7.66 23.76 -31.04
C ASN B 80 -7.29 22.33 -31.42
N PRO B 81 -7.88 21.34 -30.73
CA PRO B 81 -7.53 19.94 -30.99
C PRO B 81 -7.75 19.61 -32.44
N ARG B 82 -8.84 20.10 -33.00
CA ARG B 82 -9.21 19.82 -34.38
C ARG B 82 -8.12 20.24 -35.38
N GLU B 83 -7.34 21.25 -35.05
CA GLU B 83 -6.24 21.66 -35.92
C GLU B 83 -5.04 20.71 -35.75
N ILE B 84 -4.87 20.18 -34.54
CA ILE B 84 -3.78 19.23 -34.28
C ILE B 84 -4.04 17.94 -35.02
N ALA B 85 -5.28 17.45 -34.91
CA ALA B 85 -5.70 16.25 -35.61
C ALA B 85 -5.33 16.35 -37.08
N GLU B 86 -5.61 17.51 -37.69
CA GLU B 86 -5.30 17.74 -39.10
C GLU B 86 -3.82 17.55 -39.38
N ASN B 87 -2.97 18.12 -38.52
CA ASN B 87 -1.53 17.92 -38.67
C ASN B 87 -1.14 16.47 -38.57
N ILE B 88 -1.79 15.75 -37.67
CA ILE B 88 -1.46 14.37 -37.44
C ILE B 88 -1.80 13.54 -38.68
N THR B 89 -3.04 13.62 -39.15
CA THR B 89 -3.49 12.86 -40.32
C THR B 89 -2.71 13.23 -41.56
N LYS B 90 -2.29 14.49 -41.65
CA LYS B 90 -1.49 14.94 -42.77
C LYS B 90 -0.12 14.28 -42.77
N HIS B 91 0.24 13.65 -41.65
CA HIS B 91 1.54 13.00 -41.55
C HIS B 91 1.47 11.48 -41.38
N LEU B 92 0.30 10.89 -41.64
CA LEU B 92 0.12 9.44 -41.50
C LEU B 92 1.02 8.67 -42.44
N PRO B 93 1.79 7.72 -41.89
CA PRO B 93 2.64 6.91 -42.74
C PRO B 93 1.83 5.91 -43.56
N ASP B 94 2.47 5.33 -44.57
CA ASP B 94 1.85 4.30 -45.36
C ASP B 94 1.72 3.04 -44.53
N ASN B 95 0.54 2.46 -44.55
CA ASN B 95 0.24 1.34 -43.70
C ASN B 95 -0.56 0.32 -44.45
N GLU B 96 -0.59 -0.88 -43.91
CA GLU B 96 -1.29 -1.97 -44.55
C GLU B 96 -2.71 -2.08 -44.04
N CYS B 97 -3.06 -1.37 -42.96
CA CYS B 97 -4.35 -1.62 -42.31
C CYS B 97 -5.35 -0.47 -42.32
N ILE B 98 -4.92 0.74 -42.68
CA ILE B 98 -5.82 1.89 -42.60
C ILE B 98 -6.35 2.30 -43.97
N GLU B 99 -7.66 2.17 -44.14
CA GLU B 99 -8.34 2.58 -45.37
C GLU B 99 -8.29 4.09 -45.52
N LYS B 100 -9.00 4.77 -44.62
CA LYS B 100 -9.01 6.22 -44.52
C LYS B 100 -9.28 6.67 -43.07
N VAL B 101 -9.02 7.94 -42.77
CA VAL B 101 -9.35 8.53 -41.46
C VAL B 101 -10.23 9.77 -41.58
N GLU B 102 -10.98 10.08 -40.52
CA GLU B 102 -11.80 11.29 -40.49
C GLU B 102 -11.74 12.02 -39.14
N ILE B 103 -11.69 13.35 -39.19
CA ILE B 103 -11.71 14.13 -37.96
C ILE B 103 -13.13 14.46 -37.55
N ALA B 104 -13.49 14.06 -36.34
CA ALA B 104 -14.84 14.25 -35.85
C ALA B 104 -14.89 15.01 -34.54
N GLY B 105 -15.93 15.81 -34.35
CA GLY B 105 -16.12 16.56 -33.14
C GLY B 105 -14.97 17.51 -32.86
N PRO B 106 -14.53 17.57 -31.59
CA PRO B 106 -13.44 18.48 -31.23
C PRO B 106 -12.15 18.15 -31.99
N GLY B 107 -11.81 16.88 -32.09
CA GLY B 107 -10.58 16.47 -32.77
C GLY B 107 -10.32 14.99 -32.55
N PHE B 108 -11.40 14.22 -32.55
CA PHE B 108 -11.30 12.78 -32.57
C PHE B 108 -10.78 12.34 -33.93
N ILE B 109 -9.85 11.38 -33.98
CA ILE B 109 -9.43 10.88 -35.28
C ILE B 109 -10.04 9.50 -35.52
N ASN B 110 -11.05 9.42 -36.38
CA ASN B 110 -11.73 8.17 -36.65
C ASN B 110 -11.05 7.33 -37.72
N VAL B 111 -10.96 6.02 -37.47
CA VAL B 111 -10.15 5.16 -38.32
C VAL B 111 -10.97 4.03 -39.00
N HIS B 112 -10.84 3.95 -40.32
CA HIS B 112 -11.50 2.89 -41.11
C HIS B 112 -10.46 1.87 -41.58
N LEU B 113 -10.65 0.63 -41.19
CA LEU B 113 -9.72 -0.42 -41.59
C LEU B 113 -9.97 -0.89 -43.04
N ARG B 114 -8.88 -1.09 -43.78
CA ARG B 114 -8.93 -1.71 -45.09
C ARG B 114 -9.64 -3.06 -45.02
N LYS B 115 -10.58 -3.28 -45.94
CA LYS B 115 -11.32 -4.55 -45.99
C LYS B 115 -10.39 -5.72 -46.19
N ASP B 116 -9.41 -5.55 -47.07
CA ASP B 116 -8.41 -6.57 -47.37
C ASP B 116 -7.71 -7.06 -46.10
N PHE B 117 -7.21 -6.10 -45.34
CA PHE B 117 -6.53 -6.38 -44.10
C PHE B 117 -7.37 -7.25 -43.17
N VAL B 118 -8.59 -6.83 -42.90
CA VAL B 118 -9.45 -7.58 -42.00
C VAL B 118 -9.69 -9.01 -42.52
N SER B 119 -9.99 -9.10 -43.80
CA SER B 119 -10.24 -10.38 -44.47
C SER B 119 -9.05 -11.33 -44.39
N GLU B 120 -7.87 -10.80 -44.73
CA GLU B 120 -6.62 -11.56 -44.67
C GLU B 120 -6.31 -12.07 -43.26
N GLN B 121 -6.65 -11.30 -42.23
CA GLN B 121 -6.38 -11.71 -40.86
C GLN B 121 -7.33 -12.80 -40.37
N LEU B 122 -8.59 -12.73 -40.80
CA LEU B 122 -9.54 -13.80 -40.50
C LEU B 122 -9.04 -15.14 -41.09
N THR B 123 -8.58 -15.08 -42.33
CA THR B 123 -7.99 -16.25 -42.98
C THR B 123 -6.79 -16.74 -42.17
N SER B 124 -5.93 -15.80 -41.79
CA SER B 124 -4.73 -16.13 -41.04
C SER B 124 -5.02 -16.90 -39.76
N LEU B 125 -6.06 -16.51 -39.02
CA LEU B 125 -6.30 -17.21 -37.79
C LEU B 125 -6.91 -18.58 -38.08
N LEU B 126 -7.64 -18.69 -39.20
CA LEU B 126 -8.23 -19.96 -39.66
C LEU B 126 -7.24 -20.97 -40.20
N VAL B 127 -6.18 -20.47 -40.85
CA VAL B 127 -5.12 -21.31 -41.36
C VAL B 127 -4.01 -21.62 -40.34
N ASN B 128 -3.58 -20.62 -39.59
CA ASN B 128 -2.53 -20.83 -38.60
C ASN B 128 -3.07 -21.11 -37.22
N GLY B 129 -4.39 -21.26 -37.09
CA GLY B 129 -4.99 -21.38 -35.77
C GLY B 129 -4.85 -20.10 -34.94
N VAL B 130 -5.60 -20.04 -33.85
CA VAL B 130 -5.61 -18.86 -32.99
C VAL B 130 -4.39 -18.84 -32.07
N GLN B 131 -3.48 -17.90 -32.28
CA GLN B 131 -2.30 -17.89 -31.43
C GLN B 131 -1.64 -16.53 -31.36
N LEU B 132 -0.95 -16.29 -30.26
CA LEU B 132 -0.33 -15.00 -30.03
C LEU B 132 1.10 -14.97 -30.47
N PRO B 133 1.55 -13.78 -30.88
CA PRO B 133 2.97 -13.57 -31.18
C PRO B 133 3.78 -13.86 -29.93
N ALA B 134 4.88 -14.57 -30.04
CA ALA B 134 5.62 -14.94 -28.85
C ALA B 134 6.27 -13.68 -28.32
N LEU B 135 6.59 -13.67 -27.03
CA LEU B 135 7.37 -12.58 -26.47
C LEU B 135 8.64 -12.38 -27.28
N GLY B 136 8.99 -11.12 -27.50
CA GLY B 136 10.29 -10.82 -28.06
C GLY B 136 11.30 -11.40 -27.09
N GLU B 137 11.03 -11.23 -25.79
CA GLU B 137 11.87 -11.82 -24.77
C GLU B 137 11.06 -12.67 -23.79
N ASN B 138 11.60 -13.85 -23.46
CA ASN B 138 11.03 -14.73 -22.45
C ASN B 138 10.98 -14.02 -21.09
N LYS B 139 10.01 -14.40 -20.28
CA LYS B 139 9.83 -13.79 -18.98
C LYS B 139 9.27 -14.84 -18.06
N LYS B 140 9.80 -14.91 -16.85
CA LYS B 140 9.32 -15.88 -15.88
C LYS B 140 8.24 -15.23 -15.01
N VAL B 141 7.07 -15.83 -14.99
CA VAL B 141 5.95 -15.35 -14.21
C VAL B 141 5.63 -16.35 -13.16
N ILE B 142 5.61 -15.92 -11.89
CA ILE B 142 5.20 -16.81 -10.83
C ILE B 142 3.81 -16.43 -10.37
N VAL B 143 2.91 -17.39 -10.34
CA VAL B 143 1.56 -17.14 -9.88
C VAL B 143 1.32 -17.99 -8.64
N ASP B 144 0.97 -17.32 -7.56
CA ASP B 144 0.83 -17.87 -6.23
C ASP B 144 -0.67 -17.90 -6.00
N PHE B 145 -1.29 -19.09 -6.05
CA PHE B 145 -2.75 -19.11 -5.95
C PHE B 145 -3.28 -20.35 -5.31
N SER B 146 -4.57 -20.32 -5.01
CA SER B 146 -5.25 -21.33 -4.21
C SER B 146 -4.78 -21.27 -2.73
N SER B 147 -3.68 -21.97 -2.43
CA SER B 147 -3.01 -21.89 -1.13
C SER B 147 -3.91 -22.10 0.09
N PRO B 148 -4.60 -23.26 0.17
CA PRO B 148 -5.37 -23.52 1.38
C PRO B 148 -4.46 -23.81 2.57
N ASN B 149 -5.03 -23.89 3.77
CA ASN B 149 -4.29 -24.26 4.96
C ASN B 149 -4.52 -25.72 5.25
N ILE B 150 -3.44 -26.47 5.44
CA ILE B 150 -3.56 -27.88 5.75
C ILE B 150 -4.32 -28.07 7.06
N ALA B 151 -5.23 -29.04 7.05
CA ALA B 151 -5.99 -29.42 8.25
C ALA B 151 -7.21 -28.54 8.51
N LYS B 152 -7.22 -27.34 7.95
CA LYS B 152 -8.42 -26.51 8.02
C LYS B 152 -9.16 -26.67 6.69
N GLU B 153 -10.49 -26.56 6.73
CA GLU B 153 -11.30 -26.79 5.54
C GLU B 153 -11.06 -25.74 4.47
N MET B 154 -10.69 -26.17 3.27
CA MET B 154 -10.54 -25.24 2.18
C MET B 154 -11.89 -24.59 1.90
N HIS B 155 -11.90 -23.25 1.81
CA HIS B 155 -13.15 -22.52 1.73
C HIS B 155 -13.34 -21.76 0.43
N VAL B 156 -14.47 -21.06 0.30
CA VAL B 156 -14.84 -20.43 -0.96
C VAL B 156 -13.90 -19.33 -1.39
N GLY B 157 -13.20 -18.72 -0.44
CA GLY B 157 -12.18 -17.75 -0.79
C GLY B 157 -11.05 -18.43 -1.55
N HIS B 158 -10.63 -19.59 -1.05
CA HIS B 158 -9.63 -20.42 -1.72
C HIS B 158 -10.10 -20.89 -3.10
N LEU B 159 -11.41 -21.04 -3.25
CA LEU B 159 -12.01 -21.36 -4.53
C LEU B 159 -11.75 -20.21 -5.52
N ARG B 160 -12.07 -18.99 -5.10
CA ARG B 160 -11.81 -17.80 -5.92
C ARG B 160 -10.36 -17.74 -6.35
N SER B 161 -9.46 -17.86 -5.38
CA SER B 161 -8.03 -17.83 -5.64
C SER B 161 -7.65 -18.88 -6.68
N THR B 162 -8.19 -20.08 -6.52
CA THR B 162 -7.89 -21.17 -7.45
C THR B 162 -8.36 -20.88 -8.87
N ILE B 163 -9.61 -20.47 -8.98
CA ILE B 163 -10.25 -20.17 -10.26
C ILE B 163 -9.62 -18.97 -10.91
N ILE B 164 -9.43 -17.90 -10.13
CA ILE B 164 -8.84 -16.71 -10.69
C ILE B 164 -7.39 -16.96 -11.06
N GLY B 165 -6.66 -17.66 -10.18
CA GLY B 165 -5.25 -17.94 -10.41
C GLY B 165 -4.96 -18.86 -11.59
N GLU B 166 -5.83 -19.86 -11.76
CA GLU B 166 -5.67 -20.84 -12.85
C GLU B 166 -5.78 -20.16 -14.19
N SER B 167 -6.73 -19.24 -14.25
CA SER B 167 -7.04 -18.53 -15.49
C SER B 167 -5.97 -17.48 -15.82
N ILE B 168 -5.47 -16.79 -14.80
CA ILE B 168 -4.34 -15.87 -14.96
C ILE B 168 -3.13 -16.63 -15.49
N SER B 169 -2.82 -17.76 -14.86
CA SER B 169 -1.76 -18.65 -15.34
C SER B 169 -2.00 -19.04 -16.83
N ARG B 170 -3.23 -19.44 -17.20
CA ARG B 170 -3.48 -19.78 -18.61
C ARG B 170 -3.27 -18.60 -19.55
N LEU B 171 -3.67 -17.40 -19.13
CA LEU B 171 -3.46 -16.19 -19.94
C LEU B 171 -1.97 -15.92 -20.20
N PHE B 172 -1.13 -16.08 -19.18
CA PHE B 172 0.28 -15.75 -19.37
C PHE B 172 1.00 -16.84 -20.15
N GLU B 173 0.58 -18.09 -19.96
CA GLU B 173 1.11 -19.19 -20.77
C GLU B 173 0.81 -18.87 -22.23
N PHE B 174 -0.46 -18.61 -22.51
CA PHE B 174 -0.89 -18.33 -23.86
C PHE B 174 -0.14 -17.16 -24.47
N ALA B 175 0.14 -16.16 -23.65
CA ALA B 175 0.94 -15.02 -24.10
C ALA B 175 2.44 -15.30 -24.20
N GLY B 176 2.87 -16.53 -23.93
CA GLY B 176 4.25 -16.91 -24.19
C GLY B 176 5.18 -16.78 -23.00
N TYR B 177 4.64 -16.43 -21.84
CA TYR B 177 5.44 -16.37 -20.63
C TYR B 177 5.80 -17.76 -20.13
N ASP B 178 6.92 -17.87 -19.45
CA ASP B 178 7.24 -19.05 -18.68
C ASP B 178 6.58 -18.94 -17.32
N VAL B 179 5.61 -19.82 -17.07
CA VAL B 179 4.78 -19.71 -15.89
C VAL B 179 4.95 -20.82 -14.88
N LEU B 180 5.22 -20.42 -13.64
CA LEU B 180 5.38 -21.31 -12.52
C LEU B 180 4.20 -21.18 -11.58
N ARG B 181 3.37 -22.22 -11.50
CA ARG B 181 2.18 -22.18 -10.67
C ARG B 181 2.45 -22.78 -9.30
N LEU B 182 2.45 -21.93 -8.26
CA LEU B 182 2.78 -22.32 -6.90
C LEU B 182 1.56 -22.32 -6.02
N ASN B 183 1.36 -23.45 -5.37
CA ASN B 183 0.38 -23.58 -4.31
C ASN B 183 1.06 -23.34 -2.96
N HIS B 184 0.91 -22.13 -2.42
CA HIS B 184 1.57 -21.69 -1.19
C HIS B 184 0.82 -22.19 0.05
N VAL B 185 0.80 -23.50 0.23
CA VAL B 185 -0.09 -24.07 1.24
C VAL B 185 0.33 -23.74 2.67
N GLY B 186 -0.66 -23.59 3.53
CA GLY B 186 -0.43 -23.33 4.93
C GLY B 186 -0.15 -24.61 5.66
N ASP B 187 1.08 -25.07 5.56
CA ASP B 187 1.47 -26.32 6.20
C ASP B 187 2.51 -26.16 7.31
N TRP B 188 2.62 -24.98 7.93
CA TRP B 188 3.63 -24.72 8.94
C TRP B 188 3.08 -23.97 10.16
N GLY B 189 1.76 -23.91 10.30
CA GLY B 189 1.13 -23.22 11.41
C GLY B 189 1.40 -23.81 12.79
N THR B 190 0.77 -23.24 13.81
CA THR B 190 0.78 -23.79 15.15
C THR B 190 -0.43 -24.67 15.25
N GLN B 191 -1.23 -24.63 14.19
CA GLN B 191 -2.32 -25.58 13.98
C GLN B 191 -1.83 -27.03 14.11
N PHE B 192 -0.55 -27.25 13.82
CA PHE B 192 -0.06 -28.62 13.77
C PHE B 192 0.26 -29.13 15.16
N GLY B 193 0.46 -28.21 16.10
CA GLY B 193 0.78 -28.61 17.46
C GLY B 193 -0.25 -29.62 17.95
N MET B 194 -1.53 -29.23 17.94
CA MET B 194 -2.57 -30.09 18.46
C MET B 194 -2.90 -31.28 17.58
N LEU B 195 -2.63 -31.17 16.28
CA LEU B 195 -2.89 -32.26 15.36
C LEU B 195 -1.91 -33.44 15.55
N ILE B 196 -0.64 -33.10 15.61
CA ILE B 196 0.43 -34.05 15.82
C ILE B 196 0.31 -34.70 17.20
N ALA B 197 0.13 -33.87 18.22
CA ALA B 197 -0.01 -34.33 19.60
C ALA B 197 -1.16 -35.31 19.74
N HIS B 198 -2.26 -35.00 19.07
CA HIS B 198 -3.41 -35.90 19.05
C HIS B 198 -3.15 -37.17 18.25
N LEU B 199 -2.51 -37.01 17.09
CA LEU B 199 -2.12 -38.15 16.30
C LEU B 199 -1.33 -39.13 17.15
N GLN B 200 -0.43 -38.59 17.97
CA GLN B 200 0.41 -39.43 18.80
C GLN B 200 -0.38 -40.19 19.84
N ASP B 201 -1.38 -39.54 20.42
CA ASP B 201 -2.17 -40.21 21.44
C ASP B 201 -3.10 -41.24 20.82
N LYS B 202 -3.80 -40.88 19.74
CA LYS B 202 -4.76 -41.78 19.13
C LYS B 202 -4.11 -42.95 18.36
N PHE B 203 -3.05 -42.66 17.63
CA PHE B 203 -2.39 -43.69 16.84
C PHE B 203 -0.94 -43.84 17.23
N PRO B 204 -0.69 -44.41 18.42
CA PRO B 204 0.63 -44.55 19.03
C PRO B 204 1.58 -45.36 18.18
N ASP B 205 1.07 -46.01 17.14
CA ASP B 205 1.96 -46.78 16.29
C ASP B 205 2.14 -46.12 14.92
N TYR B 206 1.93 -44.81 14.87
CA TYR B 206 1.94 -44.08 13.60
C TYR B 206 3.29 -44.18 12.87
N LEU B 207 4.36 -44.39 13.63
CA LEU B 207 5.69 -44.46 13.06
C LEU B 207 5.88 -45.73 12.23
N THR B 208 5.05 -46.74 12.50
CA THR B 208 5.16 -48.03 11.83
C THR B 208 3.88 -48.32 11.04
N VAL B 209 2.75 -48.38 11.74
CA VAL B 209 1.45 -48.53 11.09
C VAL B 209 0.91 -47.17 10.66
N SER B 210 0.85 -46.96 9.34
CA SER B 210 0.26 -45.73 8.81
C SER B 210 -1.12 -45.57 9.43
N PRO B 211 -1.33 -44.44 10.15
CA PRO B 211 -2.57 -44.24 10.91
C PRO B 211 -3.77 -44.05 10.01
N PRO B 212 -4.89 -44.68 10.37
CA PRO B 212 -6.16 -44.48 9.67
C PRO B 212 -6.83 -43.18 10.11
N ILE B 213 -6.26 -42.05 9.74
CA ILE B 213 -6.96 -40.81 9.96
C ILE B 213 -8.09 -40.79 8.94
N GLY B 214 -9.29 -40.48 9.40
CA GLY B 214 -10.41 -40.42 8.48
C GLY B 214 -10.50 -39.05 7.85
N ASP B 215 -11.69 -38.49 7.89
CA ASP B 215 -11.90 -37.10 7.53
C ASP B 215 -11.04 -36.23 8.42
N LEU B 216 -10.18 -35.44 7.78
CA LEU B 216 -9.27 -34.58 8.50
C LEU B 216 -10.02 -33.62 9.43
N GLN B 217 -11.20 -33.16 9.03
CA GLN B 217 -11.91 -32.17 9.82
C GLN B 217 -12.47 -32.78 11.09
N VAL B 218 -12.92 -34.03 11.02
CA VAL B 218 -13.36 -34.72 12.21
C VAL B 218 -12.20 -34.80 13.17
N PHE B 219 -11.04 -35.14 12.62
CA PHE B 219 -9.83 -35.29 13.39
C PHE B 219 -9.41 -33.96 14.05
N TYR B 220 -9.47 -32.87 13.29
CA TYR B 220 -9.14 -31.55 13.77
C TYR B 220 -10.07 -31.13 14.91
N LYS B 221 -11.36 -31.37 14.74
CA LYS B 221 -12.36 -30.99 15.74
C LYS B 221 -12.09 -31.80 17.00
N GLU B 222 -11.73 -33.06 16.82
CA GLU B 222 -11.32 -33.92 17.93
C GLU B 222 -10.17 -33.28 18.66
N SER B 223 -9.13 -32.94 17.92
CA SER B 223 -7.94 -32.45 18.56
C SER B 223 -8.17 -31.06 19.15
N LYS B 224 -9.07 -30.27 18.58
CA LYS B 224 -9.31 -28.92 19.08
C LYS B 224 -10.04 -28.91 20.41
N LYS B 225 -10.95 -29.85 20.58
CA LYS B 225 -11.68 -29.96 21.83
C LYS B 225 -10.71 -30.28 22.96
N ARG B 226 -9.78 -31.20 22.69
CA ARG B 226 -8.71 -31.49 23.65
C ARG B 226 -7.89 -30.24 23.94
N PHE B 227 -7.46 -29.56 22.90
CA PHE B 227 -6.63 -28.38 23.04
C PHE B 227 -7.30 -27.36 23.94
N ASP B 228 -8.62 -27.32 23.89
CA ASP B 228 -9.39 -26.31 24.59
C ASP B 228 -9.82 -26.72 26.00
N THR B 229 -9.67 -27.99 26.35
CA THR B 229 -10.17 -28.49 27.62
C THR B 229 -9.10 -29.09 28.54
N GLU B 230 -8.02 -29.61 27.98
CA GLU B 230 -6.96 -30.25 28.79
C GLU B 230 -5.65 -29.46 28.79
N GLU B 231 -5.32 -28.80 29.91
CA GLU B 231 -4.09 -28.00 29.96
C GLU B 231 -2.83 -28.75 29.58
N GLU B 232 -2.64 -29.95 30.11
CA GLU B 232 -1.38 -30.67 29.89
C GLU B 232 -1.21 -31.00 28.41
N PHE B 233 -2.33 -31.28 27.75
CA PHE B 233 -2.33 -31.52 26.33
C PHE B 233 -1.97 -30.25 25.54
N LYS B 234 -2.53 -29.11 25.94
CA LYS B 234 -2.21 -27.82 25.33
C LYS B 234 -0.71 -27.51 25.39
N LYS B 235 -0.12 -27.77 26.56
CA LYS B 235 1.30 -27.54 26.75
C LYS B 235 2.13 -28.46 25.83
N ARG B 236 1.68 -29.70 25.65
CA ARG B 236 2.33 -30.63 24.73
C ARG B 236 2.24 -30.16 23.31
N ALA B 237 1.05 -29.72 22.92
CA ALA B 237 0.80 -29.24 21.56
C ALA B 237 1.78 -28.11 21.17
N TYR B 238 2.02 -27.16 22.08
CA TYR B 238 3.00 -26.09 21.82
C TYR B 238 4.42 -26.60 21.68
N GLN B 239 4.78 -27.63 22.46
CA GLN B 239 6.08 -28.28 22.31
C GLN B 239 6.25 -29.01 20.98
N CYS B 240 5.20 -29.72 20.55
CA CYS B 240 5.22 -30.36 19.23
C CYS B 240 5.54 -29.35 18.12
N VAL B 241 5.01 -28.14 18.25
CA VAL B 241 5.25 -27.09 17.25
C VAL B 241 6.71 -26.69 17.24
N VAL B 242 7.30 -26.54 18.42
CA VAL B 242 8.73 -26.25 18.52
C VAL B 242 9.58 -27.42 18.02
N LEU B 243 9.17 -28.64 18.35
CA LEU B 243 9.92 -29.80 17.89
C LEU B 243 9.85 -29.88 16.37
N LEU B 244 8.69 -29.54 15.80
CA LEU B 244 8.52 -29.52 14.35
C LEU B 244 9.42 -28.50 13.70
N GLN B 245 9.46 -27.30 14.27
CA GLN B 245 10.37 -26.28 13.76
C GLN B 245 11.79 -26.75 13.92
N GLY B 246 12.02 -27.62 14.93
CA GLY B 246 13.33 -28.14 15.22
C GLY B 246 13.77 -29.31 14.34
N LYS B 247 12.86 -29.79 13.50
CA LYS B 247 13.12 -30.92 12.60
C LYS B 247 13.23 -32.29 13.32
N ASN B 248 12.65 -32.39 14.51
CA ASN B 248 12.55 -33.69 15.17
C ASN B 248 11.91 -34.77 14.26
N PRO B 249 12.68 -35.83 13.93
CA PRO B 249 12.26 -36.91 13.04
C PRO B 249 10.89 -37.49 13.34
N ASP B 250 10.64 -37.90 14.57
CA ASP B 250 9.34 -38.52 14.86
C ASP B 250 8.24 -37.50 14.65
N ILE B 251 8.43 -36.28 15.21
CA ILE B 251 7.40 -35.27 15.04
C ILE B 251 7.20 -34.85 13.57
N THR B 252 8.26 -34.68 12.80
CA THR B 252 8.04 -34.30 11.40
C THR B 252 7.35 -35.43 10.59
N LYS B 253 7.64 -36.69 10.92
CA LYS B 253 6.93 -37.78 10.26
C LYS B 253 5.42 -37.69 10.50
N ALA B 254 5.01 -37.45 11.74
CA ALA B 254 3.58 -37.29 12.03
C ALA B 254 3.02 -36.13 11.21
N TRP B 255 3.85 -35.11 11.03
CA TRP B 255 3.47 -33.97 10.25
C TRP B 255 3.21 -34.38 8.79
N LYS B 256 4.12 -35.16 8.20
CA LYS B 256 3.95 -35.73 6.84
C LYS B 256 2.68 -36.56 6.65
N LEU B 257 2.41 -37.44 7.60
CA LEU B 257 1.21 -38.26 7.58
C LEU B 257 -0.06 -37.40 7.57
N ILE B 258 -0.02 -36.27 8.27
CA ILE B 258 -1.16 -35.35 8.31
C ILE B 258 -1.30 -34.56 7.01
N CYS B 259 -0.18 -34.10 6.46
CA CYS B 259 -0.23 -33.39 5.19
C CYS B 259 -0.66 -34.30 4.05
N ASP B 260 -0.20 -35.56 4.07
CA ASP B 260 -0.58 -36.57 3.07
C ASP B 260 -2.07 -36.73 2.94
N VAL B 261 -2.78 -36.76 4.06
CA VAL B 261 -4.20 -36.97 4.05
C VAL B 261 -4.87 -35.71 3.48
N SER B 262 -4.30 -34.56 3.83
CA SER B 262 -4.80 -33.29 3.31
C SER B 262 -4.62 -33.26 1.80
N ARG B 263 -3.48 -33.76 1.33
CA ARG B 263 -3.13 -33.69 -0.07
C ARG B 263 -4.07 -34.50 -0.96
N GLN B 264 -4.52 -35.66 -0.48
CA GLN B 264 -5.38 -36.51 -1.28
C GLN B 264 -6.73 -35.85 -1.44
N GLU B 265 -7.18 -35.15 -0.41
CA GLU B 265 -8.45 -34.44 -0.49
C GLU B 265 -8.34 -33.29 -1.49
N LEU B 266 -7.28 -32.51 -1.35
CA LEU B 266 -7.08 -31.36 -2.23
C LEU B 266 -6.96 -31.79 -3.70
N ASN B 267 -6.29 -32.89 -3.97
CA ASN B 267 -6.09 -33.30 -5.35
C ASN B 267 -7.42 -33.69 -6.04
N LYS B 268 -8.41 -34.09 -5.27
CA LYS B 268 -9.74 -34.33 -5.80
C LYS B 268 -10.35 -33.04 -6.31
N ILE B 269 -10.13 -31.97 -5.55
CA ILE B 269 -10.69 -30.69 -5.88
C ILE B 269 -9.99 -30.15 -7.10
N TYR B 270 -8.69 -30.32 -7.14
CA TYR B 270 -7.94 -29.75 -8.24
C TYR B 270 -8.23 -30.50 -9.53
N ASP B 271 -8.52 -31.79 -9.41
CA ASP B 271 -8.79 -32.57 -10.59
C ASP B 271 -10.16 -32.22 -11.12
N ALA B 272 -11.15 -32.22 -10.24
CA ALA B 272 -12.48 -31.78 -10.63
C ALA B 272 -12.43 -30.42 -11.35
N LEU B 273 -11.69 -29.46 -10.80
CA LEU B 273 -11.58 -28.10 -11.37
C LEU B 273 -10.54 -27.98 -12.49
N ASP B 274 -9.82 -29.06 -12.77
CA ASP B 274 -8.86 -29.03 -13.88
C ASP B 274 -7.68 -28.08 -13.60
N VAL B 275 -7.14 -28.11 -12.39
CA VAL B 275 -6.14 -27.13 -11.99
C VAL B 275 -4.78 -27.77 -11.68
N SER B 276 -3.72 -27.22 -12.25
CA SER B 276 -2.39 -27.76 -12.00
C SER B 276 -1.53 -26.80 -11.19
N LEU B 277 -0.94 -27.34 -10.14
CA LEU B 277 -0.24 -26.57 -9.15
C LEU B 277 0.96 -27.31 -8.66
N ILE B 278 2.12 -26.68 -8.68
CA ILE B 278 3.25 -27.22 -7.95
C ILE B 278 3.09 -26.87 -6.47
N GLU B 279 2.97 -27.88 -5.61
CA GLU B 279 2.85 -27.60 -4.19
C GLU B 279 4.13 -27.05 -3.59
N ARG B 280 4.01 -25.95 -2.88
CA ARG B 280 5.16 -25.36 -2.22
C ARG B 280 4.77 -24.58 -0.93
N GLY B 281 4.50 -25.35 0.12
CA GLY B 281 4.01 -24.78 1.35
C GLY B 281 5.02 -23.91 2.04
N GLU B 282 4.56 -23.23 3.09
CA GLU B 282 5.41 -22.40 3.92
C GLU B 282 6.59 -23.24 4.43
N SER B 283 6.36 -24.52 4.68
CA SER B 283 7.40 -25.38 5.22
C SER B 283 8.62 -25.44 4.33
N PHE B 284 8.43 -25.19 3.05
CA PHE B 284 9.53 -25.19 2.10
C PHE B 284 10.65 -24.18 2.42
N TYR B 285 10.30 -23.14 3.15
CA TYR B 285 11.22 -22.03 3.36
C TYR B 285 11.84 -22.04 4.75
N GLN B 286 11.67 -23.14 5.48
CA GLN B 286 12.09 -23.20 6.89
C GLN B 286 13.57 -22.87 7.16
N ASP B 287 14.48 -23.32 6.31
CA ASP B 287 15.87 -22.95 6.47
C ASP B 287 16.05 -21.49 6.11
N ARG B 288 15.52 -21.12 4.95
CA ARG B 288 15.68 -19.77 4.45
C ARG B 288 15.14 -18.71 5.41
N MET B 289 14.24 -19.09 6.32
CA MET B 289 13.69 -18.11 7.25
C MET B 289 14.73 -17.68 8.27
N ASN B 290 15.58 -18.60 8.73
CA ASN B 290 16.65 -18.23 9.67
C ASN B 290 17.56 -17.14 9.10
N ASP B 291 17.89 -17.31 7.83
CA ASP B 291 18.75 -16.37 7.14
C ASP B 291 18.05 -15.04 6.95
N ILE B 292 16.77 -15.10 6.59
CA ILE B 292 15.98 -13.91 6.37
C ILE B 292 16.00 -12.99 7.57
N VAL B 293 15.83 -13.60 8.74
CA VAL B 293 15.78 -12.85 9.99
C VAL B 293 17.11 -12.15 10.29
N LYS B 294 18.18 -12.88 10.07
CA LYS B 294 19.49 -12.37 10.36
C LYS B 294 19.81 -11.27 9.37
N GLU B 295 19.25 -11.36 8.15
CA GLU B 295 19.57 -10.39 7.11
C GLU B 295 18.90 -9.06 7.42
N PHE B 296 17.69 -9.06 7.95
CA PHE B 296 17.07 -7.82 8.39
C PHE B 296 17.74 -7.30 9.67
N GLU B 297 18.20 -8.21 10.53
CA GLU B 297 18.91 -7.81 11.75
C GLU B 297 20.21 -7.14 11.39
N ASP B 298 21.02 -7.81 10.58
CA ASP B 298 22.33 -7.30 10.25
C ASP B 298 22.27 -5.97 9.50
N ARG B 299 21.15 -5.69 8.86
CA ARG B 299 20.99 -4.45 8.11
C ARG B 299 20.34 -3.41 8.99
N GLY B 300 20.07 -3.80 10.22
CA GLY B 300 19.62 -2.85 11.20
C GLY B 300 18.17 -2.49 11.13
N PHE B 301 17.36 -3.32 10.47
CA PHE B 301 15.94 -3.02 10.30
C PHE B 301 15.09 -3.63 11.40
N VAL B 302 15.73 -4.29 12.34
CA VAL B 302 14.99 -5.08 13.31
C VAL B 302 14.90 -4.43 14.68
N GLN B 303 13.74 -4.54 15.30
CA GLN B 303 13.48 -3.99 16.61
C GLN B 303 12.98 -5.10 17.51
N VAL B 304 13.46 -5.15 18.74
CA VAL B 304 12.97 -6.14 19.71
C VAL B 304 11.87 -5.51 20.52
N ASP B 305 10.73 -6.17 20.58
CA ASP B 305 9.56 -5.58 21.21
C ASP B 305 8.72 -6.66 21.89
N ASP B 306 8.76 -6.69 23.22
CA ASP B 306 8.04 -7.70 23.99
C ASP B 306 8.58 -9.08 23.65
N GLY B 307 9.89 -9.18 23.47
CA GLY B 307 10.52 -10.44 23.10
C GLY B 307 10.39 -10.78 21.62
N ARG B 308 9.48 -10.10 20.93
CA ARG B 308 9.26 -10.30 19.50
C ARG B 308 10.27 -9.54 18.69
N LYS B 309 10.83 -10.16 17.66
CA LYS B 309 11.61 -9.42 16.69
C LYS B 309 10.66 -8.89 15.60
N ILE B 310 10.57 -7.56 15.47
CA ILE B 310 9.62 -6.92 14.54
C ILE B 310 10.29 -5.91 13.61
N VAL B 311 9.64 -5.62 12.48
CA VAL B 311 10.21 -4.70 11.50
C VAL B 311 9.21 -3.62 11.08
N PHE B 312 9.53 -2.37 11.40
CA PHE B 312 8.75 -1.24 10.92
C PHE B 312 9.22 -0.83 9.54
N VAL B 313 8.31 -0.85 8.58
CA VAL B 313 8.64 -0.42 7.23
C VAL B 313 8.19 1.03 7.07
N PRO B 314 9.13 1.95 6.80
CA PRO B 314 8.72 3.35 6.69
C PRO B 314 7.66 3.52 5.62
N GLY B 315 6.51 4.07 6.02
CA GLY B 315 5.42 4.27 5.12
C GLY B 315 4.26 3.35 5.42
N CYS B 316 4.50 2.32 6.23
CA CYS B 316 3.46 1.31 6.41
C CYS B 316 2.77 1.42 7.74
N SER B 317 1.50 1.04 7.76
CA SER B 317 0.67 1.21 8.95
C SER B 317 0.94 0.16 10.05
N ILE B 318 1.48 -1.00 9.70
CA ILE B 318 1.76 -2.06 10.68
C ILE B 318 3.14 -2.66 10.52
N PRO B 319 3.75 -3.03 11.64
CA PRO B 319 5.05 -3.69 11.47
C PRO B 319 4.90 -5.18 11.15
N LEU B 320 5.92 -5.72 10.51
CA LEU B 320 6.02 -7.14 10.32
C LEU B 320 6.53 -7.82 11.59
N THR B 321 5.91 -8.91 12.01
CA THR B 321 6.47 -9.66 13.12
C THR B 321 7.28 -10.80 12.57
N ILE B 322 8.60 -10.75 12.67
CA ILE B 322 9.32 -11.81 12.02
C ILE B 322 9.78 -12.93 12.94
N VAL B 323 9.78 -12.69 14.25
CA VAL B 323 10.00 -13.78 15.21
C VAL B 323 9.18 -13.53 16.47
N LYS B 324 8.37 -14.52 16.85
CA LYS B 324 7.57 -14.42 18.08
C LYS B 324 8.45 -14.55 19.32
N SER B 325 7.94 -14.21 20.51
CA SER B 325 8.73 -14.35 21.75
C SER B 325 9.32 -15.74 21.94
N ASP B 326 8.63 -16.76 21.45
CA ASP B 326 9.09 -18.14 21.65
C ASP B 326 10.10 -18.60 20.61
N GLY B 327 10.51 -17.71 19.71
CA GLY B 327 11.51 -18.06 18.70
C GLY B 327 10.90 -18.60 17.43
N GLY B 328 9.57 -18.71 17.42
CA GLY B 328 8.87 -19.22 16.25
C GLY B 328 8.67 -18.22 15.13
N TYR B 329 8.87 -18.69 13.90
CA TYR B 329 8.68 -17.86 12.72
C TYR B 329 7.19 -17.70 12.40
N THR B 330 6.87 -16.69 11.59
CA THR B 330 5.49 -16.32 11.30
C THR B 330 5.16 -16.33 9.80
N TYR B 331 3.89 -16.07 9.51
CA TYR B 331 3.41 -15.82 8.15
C TYR B 331 4.21 -14.75 7.40
N ASP B 332 4.63 -13.71 8.12
CA ASP B 332 5.47 -12.63 7.56
C ASP B 332 6.83 -13.14 7.21
N THR B 333 7.35 -13.97 8.10
CA THR B 333 8.67 -14.52 7.93
C THR B 333 8.71 -15.34 6.67
N SER B 334 7.73 -16.22 6.49
CA SER B 334 7.76 -17.13 5.35
C SER B 334 7.49 -16.35 4.08
N ASP B 335 6.60 -15.36 4.16
CA ASP B 335 6.33 -14.56 2.98
C ASP B 335 7.57 -13.74 2.56
N LEU B 336 8.34 -13.27 3.52
CA LEU B 336 9.60 -12.61 3.23
C LEU B 336 10.63 -13.57 2.62
N ALA B 337 10.75 -14.76 3.20
CA ALA B 337 11.62 -15.82 2.66
C ALA B 337 11.18 -16.23 1.26
N ALA B 338 9.88 -16.44 1.06
CA ALA B 338 9.39 -16.88 -0.24
C ALA B 338 9.57 -15.80 -1.34
N ILE B 339 9.38 -14.52 -1.00
CA ILE B 339 9.52 -13.48 -2.03
C ILE B 339 10.97 -13.32 -2.39
N LYS B 340 11.87 -13.57 -1.44
CA LYS B 340 13.28 -13.46 -1.77
C LYS B 340 13.73 -14.61 -2.68
N GLN B 341 13.32 -15.84 -2.40
CA GLN B 341 13.83 -16.91 -3.25
C GLN B 341 13.23 -16.80 -4.64
N ARG B 342 12.02 -16.25 -4.77
CA ARG B 342 11.42 -16.05 -6.09
C ARG B 342 12.15 -15.02 -6.91
N LEU B 343 12.71 -14.00 -6.25
CA LEU B 343 13.43 -12.94 -6.92
C LEU B 343 14.85 -13.40 -7.30
N PHE B 344 15.49 -14.13 -6.40
CA PHE B 344 16.89 -14.55 -6.59
C PHE B 344 17.10 -15.95 -7.15
N GLU B 345 16.40 -16.93 -6.61
CA GLU B 345 16.58 -18.31 -7.04
C GLU B 345 15.82 -18.54 -8.35
N GLU B 346 14.54 -18.18 -8.37
CA GLU B 346 13.69 -18.31 -9.54
C GLU B 346 13.95 -17.23 -10.59
N LYS B 347 14.55 -16.12 -10.17
CA LYS B 347 14.80 -14.98 -11.05
C LYS B 347 13.53 -14.54 -11.75
N ALA B 348 12.42 -14.50 -11.03
CA ALA B 348 11.15 -14.09 -11.61
C ALA B 348 11.22 -12.67 -12.17
N ASP B 349 10.65 -12.49 -13.35
CA ASP B 349 10.46 -11.16 -13.87
C ASP B 349 9.13 -10.61 -13.35
N MET B 350 8.25 -11.49 -12.91
CA MET B 350 6.96 -11.09 -12.38
C MET B 350 6.46 -12.07 -11.33
N ILE B 351 5.92 -11.55 -10.22
CA ILE B 351 5.30 -12.40 -9.23
C ILE B 351 3.87 -11.91 -8.97
N ILE B 352 2.91 -12.81 -9.12
CA ILE B 352 1.52 -12.45 -8.97
C ILE B 352 0.92 -13.18 -7.79
N TYR B 353 0.44 -12.43 -6.80
CA TYR B 353 -0.13 -13.04 -5.61
C TYR B 353 -1.65 -13.03 -5.67
N VAL B 354 -2.25 -14.19 -5.90
CA VAL B 354 -3.70 -14.25 -5.98
C VAL B 354 -4.26 -14.62 -4.63
N VAL B 355 -4.49 -13.60 -3.82
CA VAL B 355 -4.91 -13.74 -2.41
C VAL B 355 -6.04 -12.73 -2.14
N ASP B 356 -6.90 -13.06 -1.19
CA ASP B 356 -8.07 -12.27 -0.88
C ASP B 356 -7.72 -10.86 -0.41
N ASN B 357 -8.57 -9.89 -0.73
CA ASN B 357 -8.27 -8.51 -0.41
C ASN B 357 -8.10 -8.22 1.08
N GLY B 358 -8.66 -9.07 1.94
CA GLY B 358 -8.41 -8.95 3.36
C GLY B 358 -6.95 -8.93 3.75
N GLN B 359 -6.06 -9.25 2.82
CA GLN B 359 -4.64 -9.39 3.13
C GLN B 359 -3.84 -8.33 2.39
N SER B 360 -4.55 -7.35 1.84
CA SER B 360 -3.91 -6.22 1.17
C SER B 360 -2.80 -5.55 1.98
N VAL B 361 -3.07 -5.24 3.25
CA VAL B 361 -2.09 -4.53 4.04
C VAL B 361 -0.83 -5.38 4.12
N HIS B 362 -1.01 -6.63 4.50
CA HIS B 362 0.07 -7.60 4.52
C HIS B 362 0.97 -7.64 3.27
N PHE B 363 0.43 -7.79 2.07
CA PHE B 363 1.34 -7.91 0.93
C PHE B 363 2.01 -6.60 0.62
N GLN B 364 1.30 -5.49 0.78
CA GLN B 364 1.92 -4.18 0.67
C GLN B 364 3.14 -3.97 1.59
N THR B 365 3.03 -4.38 2.86
CA THR B 365 4.15 -4.24 3.81
C THR B 365 5.32 -5.15 3.44
N ILE B 366 4.98 -6.39 3.08
CA ILE B 366 5.96 -7.36 2.63
C ILE B 366 6.70 -6.80 1.42
N PHE B 367 5.95 -6.30 0.42
CA PHE B 367 6.59 -5.74 -0.75
C PHE B 367 7.45 -4.56 -0.40
N ALA B 368 6.92 -3.65 0.41
CA ALA B 368 7.68 -2.47 0.84
C ALA B 368 8.95 -2.90 1.57
N ALA B 369 8.82 -3.90 2.45
CA ALA B 369 9.94 -4.48 3.18
C ALA B 369 10.97 -5.07 2.22
N ALA B 370 10.48 -5.69 1.15
CA ALA B 370 11.35 -6.30 0.16
C ALA B 370 12.12 -5.20 -0.58
N GLN B 371 11.44 -4.12 -0.89
CA GLN B 371 12.08 -3.01 -1.57
C GLN B 371 13.10 -2.33 -0.68
N MET B 372 12.70 -2.09 0.57
CA MET B 372 13.53 -1.44 1.62
C MET B 372 14.89 -2.11 1.82
N ILE B 373 14.91 -3.45 1.83
CA ILE B 373 16.18 -4.16 2.00
C ILE B 373 16.87 -4.36 0.65
N GLY B 374 16.22 -3.90 -0.42
CA GLY B 374 16.84 -3.81 -1.72
C GLY B 374 16.78 -5.05 -2.57
N TRP B 375 15.83 -5.93 -2.28
CA TRP B 375 15.73 -7.17 -3.03
C TRP B 375 15.24 -6.95 -4.45
N TYR B 376 14.43 -5.91 -4.67
CA TYR B 376 13.94 -5.63 -6.03
C TYR B 376 13.50 -4.19 -6.27
N ASP B 377 13.51 -3.82 -7.55
CA ASP B 377 13.11 -2.51 -8.02
C ASP B 377 11.83 -2.66 -8.81
N PRO B 378 10.72 -2.10 -8.31
CA PRO B 378 9.39 -2.25 -8.90
C PRO B 378 9.33 -1.77 -10.35
N LYS B 379 10.35 -1.05 -10.77
CA LYS B 379 10.41 -0.59 -12.14
C LYS B 379 10.96 -1.71 -13.01
N VAL B 380 11.65 -2.65 -12.39
CA VAL B 380 12.27 -3.72 -13.15
C VAL B 380 11.54 -5.04 -12.98
N THR B 381 10.96 -5.28 -11.81
CA THR B 381 10.26 -6.52 -11.55
C THR B 381 8.82 -6.22 -11.13
N ARG B 382 7.86 -6.84 -11.80
CA ARG B 382 6.46 -6.66 -11.45
C ARG B 382 6.11 -7.57 -10.28
N VAL B 383 5.71 -6.95 -9.17
CA VAL B 383 5.19 -7.66 -8.04
C VAL B 383 3.83 -7.06 -7.74
N PHE B 384 2.84 -7.93 -7.65
CA PHE B 384 1.46 -7.56 -7.90
C PHE B 384 0.57 -8.38 -6.98
N HIS B 385 -0.19 -7.72 -6.11
CA HIS B 385 -1.25 -8.43 -5.37
C HIS B 385 -2.53 -8.28 -6.15
N ALA B 386 -3.04 -9.41 -6.63
CA ALA B 386 -4.32 -9.50 -7.33
C ALA B 386 -5.35 -9.94 -6.32
N GLY B 387 -6.05 -8.98 -5.71
CA GLY B 387 -6.98 -9.30 -4.65
C GLY B 387 -8.38 -9.53 -5.19
N PHE B 388 -9.25 -10.03 -4.33
CA PHE B 388 -10.63 -10.28 -4.72
C PHE B 388 -11.55 -10.17 -3.50
N GLY B 389 -12.79 -9.74 -3.72
CA GLY B 389 -13.70 -9.48 -2.63
C GLY B 389 -14.20 -10.77 -2.06
N VAL B 390 -15.05 -10.69 -1.04
CA VAL B 390 -15.43 -11.92 -0.36
C VAL B 390 -16.64 -12.55 -1.06
N VAL B 391 -16.86 -13.81 -0.74
CA VAL B 391 -17.96 -14.57 -1.29
C VAL B 391 -19.17 -14.45 -0.38
N LEU B 392 -20.30 -14.05 -0.95
CA LEU B 392 -21.52 -13.85 -0.19
C LEU B 392 -22.59 -14.83 -0.67
N GLY B 393 -23.52 -15.18 0.21
CA GLY B 393 -24.72 -15.87 -0.22
C GLY B 393 -25.67 -14.83 -0.79
N GLU B 394 -26.87 -15.23 -1.16
CA GLU B 394 -27.84 -14.26 -1.69
C GLU B 394 -28.41 -13.36 -0.59
N ASP B 395 -28.02 -13.62 0.65
CA ASP B 395 -28.44 -12.76 1.76
C ASP B 395 -27.43 -11.63 1.94
N LYS B 396 -26.44 -11.59 1.05
CA LYS B 396 -25.40 -10.57 1.09
C LYS B 396 -24.55 -10.66 2.33
N LYS B 397 -24.62 -11.80 3.03
CA LYS B 397 -23.74 -12.07 4.17
C LYS B 397 -22.66 -13.10 3.79
N LYS B 398 -21.59 -13.20 4.57
CA LYS B 398 -20.52 -14.13 4.22
C LYS B 398 -21.03 -15.56 4.09
N PHE B 399 -20.78 -16.12 2.91
CA PHE B 399 -21.20 -17.45 2.48
C PHE B 399 -20.88 -18.56 3.47
N LYS B 400 -21.92 -19.12 4.09
CA LYS B 400 -21.73 -20.16 5.10
C LYS B 400 -22.82 -21.22 5.11
N THR B 401 -22.63 -22.18 6.01
CA THR B 401 -23.64 -23.16 6.40
C THR B 401 -23.90 -23.02 7.91
N ARG B 402 -25.17 -22.97 8.32
CA ARG B 402 -25.54 -22.77 9.73
C ARG B 402 -24.79 -23.74 10.64
N GLU B 405 -20.82 -21.70 9.85
CA GLU B 405 -19.73 -22.65 9.68
C GLU B 405 -19.35 -22.80 8.20
N THR B 406 -18.19 -23.41 7.93
CA THR B 406 -17.68 -23.54 6.56
C THR B 406 -18.24 -24.69 5.71
N VAL B 407 -18.43 -24.40 4.43
CA VAL B 407 -18.98 -25.33 3.45
C VAL B 407 -17.90 -26.07 2.66
N ARG B 408 -18.03 -27.39 2.56
CA ARG B 408 -17.12 -28.22 1.78
C ARG B 408 -17.17 -27.95 0.30
N LEU B 409 -16.02 -27.66 -0.29
CA LEU B 409 -15.99 -27.33 -1.70
C LEU B 409 -16.50 -28.49 -2.52
N MET B 410 -16.12 -29.70 -2.14
CA MET B 410 -16.50 -30.87 -2.93
C MET B 410 -18.02 -31.06 -2.94
N ASP B 411 -18.66 -30.81 -1.80
CA ASP B 411 -20.11 -30.80 -1.73
C ASP B 411 -20.64 -29.78 -2.71
N LEU B 412 -20.03 -28.60 -2.67
CA LEU B 412 -20.43 -27.52 -3.55
C LEU B 412 -20.35 -27.94 -5.02
N LEU B 413 -19.25 -28.57 -5.38
CA LEU B 413 -19.07 -29.01 -6.74
C LEU B 413 -20.16 -29.99 -7.11
N GLY B 414 -20.45 -30.91 -6.21
CA GLY B 414 -21.47 -31.91 -6.46
C GLY B 414 -22.83 -31.31 -6.72
N GLU B 415 -23.20 -30.32 -5.92
CA GLU B 415 -24.46 -29.63 -6.09
C GLU B 415 -24.57 -29.00 -7.48
N GLY B 416 -23.44 -28.53 -8.00
CA GLY B 416 -23.38 -28.09 -9.38
C GLY B 416 -23.64 -29.21 -10.38
N LEU B 417 -22.94 -30.33 -10.23
CA LEU B 417 -23.10 -31.48 -11.13
C LEU B 417 -24.53 -32.03 -11.12
N LYS B 418 -25.13 -32.12 -9.94
CA LYS B 418 -26.52 -32.52 -9.81
C LYS B 418 -27.41 -31.57 -10.61
N ARG B 419 -27.30 -30.26 -10.33
CA ARG B 419 -28.10 -29.24 -11.01
C ARG B 419 -27.83 -29.08 -12.51
N SER B 420 -26.60 -29.34 -12.93
CA SER B 420 -26.32 -29.25 -14.35
C SER B 420 -27.08 -30.39 -15.05
N MET B 421 -27.07 -31.56 -14.42
CA MET B 421 -27.76 -32.72 -14.94
C MET B 421 -29.28 -32.51 -14.90
N ASP B 422 -29.77 -31.96 -13.80
CA ASP B 422 -31.19 -31.64 -13.68
C ASP B 422 -31.65 -30.82 -14.88
N LYS B 423 -30.93 -29.74 -15.16
CA LYS B 423 -31.23 -28.88 -16.29
C LYS B 423 -31.32 -29.66 -17.58
N LEU B 424 -30.38 -30.60 -17.75
CA LEU B 424 -30.27 -31.35 -18.99
C LEU B 424 -31.43 -32.29 -19.17
N LYS B 425 -32.04 -32.69 -18.07
CA LYS B 425 -33.12 -33.66 -18.16
C LYS B 425 -34.45 -33.04 -18.57
N GLU B 426 -34.39 -31.85 -19.17
CA GLU B 426 -35.46 -31.34 -20.05
C GLU B 426 -34.83 -30.84 -21.31
N LYS B 427 -34.73 -31.71 -22.31
CA LYS B 427 -34.95 -33.13 -22.16
C LYS B 427 -33.89 -33.84 -22.99
N GLU B 428 -32.66 -33.41 -22.82
CA GLU B 428 -31.60 -33.76 -23.76
C GLU B 428 -30.99 -35.12 -23.46
N ARG B 429 -31.49 -35.75 -22.39
CA ARG B 429 -31.17 -37.14 -22.08
C ARG B 429 -31.52 -38.09 -23.23
N ASP B 430 -32.32 -37.61 -24.18
CA ASP B 430 -32.78 -38.45 -25.27
C ASP B 430 -32.17 -38.12 -26.63
N LYS B 431 -31.40 -37.03 -26.72
CA LYS B 431 -30.72 -36.71 -27.98
C LYS B 431 -29.27 -37.19 -27.93
N VAL B 432 -28.61 -36.96 -26.80
CA VAL B 432 -27.17 -37.15 -26.71
C VAL B 432 -26.79 -38.54 -26.14
N LEU B 433 -25.62 -39.04 -26.56
CA LEU B 433 -24.97 -40.20 -25.95
C LEU B 433 -24.93 -40.06 -24.46
N THR B 434 -24.74 -41.16 -23.76
CA THR B 434 -24.41 -41.01 -22.35
C THR B 434 -23.05 -40.31 -22.19
N ALA B 435 -22.15 -40.46 -23.15
CA ALA B 435 -20.89 -39.76 -23.07
C ALA B 435 -21.11 -38.26 -23.34
N GLU B 436 -21.81 -37.94 -24.43
CA GLU B 436 -22.12 -36.56 -24.78
C GLU B 436 -22.75 -35.85 -23.59
N GLU B 437 -23.60 -36.59 -22.90
CA GLU B 437 -24.34 -36.02 -21.80
C GLU B 437 -23.78 -36.42 -20.46
N LEU B 438 -24.06 -37.68 -20.05
CA LEU B 438 -23.72 -38.22 -18.71
C LEU B 438 -22.31 -37.93 -18.25
N ASN B 439 -21.64 -37.09 -19.01
CA ASN B 439 -20.55 -36.36 -18.44
C ASN B 439 -20.32 -35.07 -19.20
N ALA B 440 -20.12 -35.16 -20.52
CA ALA B 440 -19.53 -34.03 -21.21
C ALA B 440 -20.33 -32.75 -21.00
N ALA B 441 -21.63 -32.76 -21.29
CA ALA B 441 -22.43 -31.56 -21.12
C ALA B 441 -22.59 -31.20 -19.64
N GLN B 442 -22.89 -32.19 -18.81
CA GLN B 442 -23.12 -31.93 -17.41
C GLN B 442 -21.93 -31.27 -16.71
N THR B 443 -20.77 -31.90 -16.76
CA THR B 443 -19.59 -31.40 -16.06
C THR B 443 -19.12 -30.07 -16.63
N SER B 444 -19.10 -30.01 -17.95
CA SER B 444 -18.65 -28.84 -18.66
C SER B 444 -19.49 -27.62 -18.30
N VAL B 445 -20.80 -27.81 -18.19
CA VAL B 445 -21.70 -26.74 -17.76
C VAL B 445 -21.52 -26.42 -16.28
N ALA B 446 -21.50 -27.48 -15.48
CA ALA B 446 -21.42 -27.33 -14.04
C ALA B 446 -20.16 -26.54 -13.66
N TYR B 447 -19.01 -27.08 -13.99
CA TYR B 447 -17.75 -26.43 -13.65
C TYR B 447 -17.63 -25.12 -14.37
N GLY B 448 -18.11 -25.09 -15.61
CA GLY B 448 -18.03 -23.88 -16.41
C GLY B 448 -18.76 -22.70 -15.81
N CYS B 449 -19.93 -22.98 -15.23
CA CYS B 449 -20.74 -21.93 -14.65
C CYS B 449 -20.20 -21.45 -13.31
N ILE B 450 -19.59 -22.36 -12.56
CA ILE B 450 -18.97 -22.02 -11.30
C ILE B 450 -17.75 -21.14 -11.58
N LYS B 451 -16.97 -21.47 -12.60
CA LYS B 451 -15.86 -20.60 -12.96
C LYS B 451 -16.36 -19.29 -13.54
N TYR B 452 -17.24 -19.37 -14.53
CA TYR B 452 -17.64 -18.19 -15.28
C TYR B 452 -18.35 -17.12 -14.46
N ALA B 453 -19.20 -17.55 -13.53
CA ALA B 453 -19.97 -16.63 -12.71
C ALA B 453 -19.02 -15.74 -11.89
N ASP B 454 -17.90 -16.32 -11.46
CA ASP B 454 -16.86 -15.59 -10.77
C ASP B 454 -16.10 -14.66 -11.70
N LEU B 455 -15.42 -15.23 -12.69
CA LEU B 455 -14.51 -14.45 -13.53
C LEU B 455 -15.18 -13.36 -14.34
N SER B 456 -16.49 -13.43 -14.49
CA SER B 456 -17.17 -12.47 -15.36
C SER B 456 -17.47 -11.18 -14.61
N ARG B 457 -17.21 -11.17 -13.31
CA ARG B 457 -17.34 -9.97 -12.48
C ARG B 457 -15.96 -9.46 -12.04
N ASN B 458 -15.84 -8.15 -11.87
CA ASN B 458 -14.60 -7.56 -11.36
C ASN B 458 -14.19 -8.33 -10.10
N ARG B 459 -12.97 -8.88 -10.13
CA ARG B 459 -12.50 -9.74 -9.04
C ARG B 459 -12.52 -9.00 -7.70
N LEU B 460 -12.22 -7.71 -7.75
CA LEU B 460 -12.18 -6.87 -6.55
C LEU B 460 -13.49 -6.87 -5.79
N ASN B 461 -14.61 -6.94 -6.51
CA ASN B 461 -15.92 -6.82 -5.90
C ASN B 461 -16.36 -8.07 -5.19
N ASP B 462 -17.19 -7.90 -4.18
CA ASP B 462 -17.77 -9.04 -3.51
C ASP B 462 -18.58 -9.82 -4.52
N TYR B 463 -18.71 -11.11 -4.28
CA TYR B 463 -19.25 -12.00 -5.27
C TYR B 463 -20.39 -12.82 -4.68
N ILE B 464 -21.57 -12.70 -5.26
CA ILE B 464 -22.72 -13.48 -4.82
C ILE B 464 -22.76 -14.87 -5.45
N PHE B 465 -22.52 -15.89 -4.65
CA PHE B 465 -22.55 -17.23 -5.19
C PHE B 465 -23.98 -17.74 -5.30
N SER B 466 -24.43 -17.85 -6.54
CA SER B 466 -25.79 -18.27 -6.83
C SER B 466 -25.83 -19.35 -7.91
N PHE B 467 -26.24 -20.55 -7.54
CA PHE B 467 -26.43 -21.63 -8.51
C PHE B 467 -27.42 -21.22 -9.58
N ASP B 468 -28.50 -20.58 -9.16
CA ASP B 468 -29.56 -20.16 -10.07
C ASP B 468 -29.09 -19.12 -11.06
N LYS B 469 -28.45 -18.06 -10.59
CA LYS B 469 -27.99 -17.02 -11.50
C LYS B 469 -26.94 -17.56 -12.46
N MET B 470 -26.00 -18.36 -11.96
CA MET B 470 -24.93 -18.82 -12.84
C MET B 470 -25.44 -19.87 -13.82
N LEU B 471 -26.42 -20.69 -13.41
CA LEU B 471 -26.90 -21.77 -14.26
C LEU B 471 -27.97 -21.37 -15.29
N ASP B 472 -28.48 -20.16 -15.18
CA ASP B 472 -29.52 -19.65 -16.09
C ASP B 472 -29.12 -19.72 -17.57
N ASP B 473 -30.06 -20.16 -18.41
CA ASP B 473 -29.74 -20.37 -19.84
C ASP B 473 -29.65 -19.05 -20.62
N ARG B 474 -30.19 -17.96 -20.07
CA ARG B 474 -30.18 -16.69 -20.80
C ARG B 474 -29.23 -15.69 -20.16
N GLY B 475 -28.73 -14.77 -20.97
CA GLY B 475 -27.90 -13.70 -20.47
C GLY B 475 -26.44 -14.09 -20.42
N ASN B 476 -25.65 -13.32 -19.68
CA ASN B 476 -24.22 -13.52 -19.63
C ASN B 476 -23.79 -14.63 -18.67
N THR B 477 -24.06 -15.88 -19.05
CA THR B 477 -23.65 -17.02 -18.25
C THR B 477 -22.81 -17.97 -19.08
N ALA B 478 -22.22 -18.97 -18.41
CA ALA B 478 -21.54 -20.07 -19.11
C ALA B 478 -22.56 -21.00 -19.78
N ALA B 479 -23.74 -21.11 -19.16
CA ALA B 479 -24.81 -21.94 -19.71
C ALA B 479 -25.22 -21.39 -21.07
N TYR B 480 -25.37 -20.09 -21.17
CA TYR B 480 -25.68 -19.51 -22.46
C TYR B 480 -24.57 -19.68 -23.49
N LEU B 481 -23.35 -19.34 -23.10
CA LEU B 481 -22.24 -19.24 -24.03
C LEU B 481 -21.86 -20.60 -24.61
N LEU B 482 -21.97 -21.63 -23.78
CA LEU B 482 -21.59 -22.97 -24.18
C LEU B 482 -22.59 -23.53 -25.18
N TYR B 483 -23.87 -23.31 -24.87
CA TYR B 483 -24.93 -23.63 -25.78
C TYR B 483 -24.79 -22.75 -27.02
N ALA B 484 -24.45 -21.49 -26.82
CA ALA B 484 -24.20 -20.61 -27.92
C ALA B 484 -23.09 -21.16 -28.81
N PHE B 485 -22.10 -21.80 -28.17
CA PHE B 485 -20.96 -22.38 -28.86
C PHE B 485 -21.41 -23.56 -29.74
N THR B 486 -22.28 -24.40 -29.19
CA THR B 486 -22.71 -25.60 -29.90
C THR B 486 -23.47 -25.21 -31.16
N ARG B 487 -24.23 -24.13 -31.12
CA ARG B 487 -25.00 -23.73 -32.29
C ARG B 487 -24.05 -23.31 -33.39
N ILE B 488 -22.99 -22.59 -33.02
CA ILE B 488 -22.03 -22.13 -34.00
C ILE B 488 -21.37 -23.30 -34.72
N ARG B 489 -21.12 -24.39 -33.99
CA ARG B 489 -20.52 -25.60 -34.56
C ARG B 489 -21.52 -26.42 -35.38
N SER B 490 -22.79 -26.36 -35.02
CA SER B 490 -23.83 -27.18 -35.66
C SER B 490 -24.02 -26.75 -37.11
N ILE B 491 -23.74 -25.48 -37.40
CA ILE B 491 -23.91 -24.96 -38.74
C ILE B 491 -23.16 -25.75 -39.82
N ALA B 492 -21.84 -25.82 -39.75
CA ALA B 492 -21.10 -26.59 -40.76
C ALA B 492 -21.41 -28.08 -40.59
N ARG B 493 -21.55 -28.51 -39.34
CA ARG B 493 -21.87 -29.90 -39.04
C ARG B 493 -23.08 -30.33 -39.87
N LEU B 494 -24.17 -29.59 -39.69
CA LEU B 494 -25.45 -29.93 -40.27
C LEU B 494 -25.56 -29.55 -41.75
N ALA B 495 -24.44 -29.20 -42.36
CA ALA B 495 -24.41 -28.90 -43.78
C ALA B 495 -23.35 -29.75 -44.42
N ASN B 496 -23.00 -30.82 -43.71
CA ASN B 496 -22.00 -31.77 -44.17
C ASN B 496 -20.70 -31.13 -44.65
N ILE B 497 -20.22 -30.11 -43.94
CA ILE B 497 -18.91 -29.56 -44.25
C ILE B 497 -17.85 -29.87 -43.18
N ASP B 498 -17.17 -31.01 -43.34
CA ASP B 498 -16.23 -31.50 -42.33
C ASP B 498 -14.95 -30.67 -42.27
N GLU B 499 -14.02 -31.09 -41.43
CA GLU B 499 -12.81 -30.33 -41.14
C GLU B 499 -11.83 -30.32 -42.31
N GLU B 500 -11.93 -31.30 -43.20
CA GLU B 500 -11.07 -31.32 -44.37
C GLU B 500 -11.55 -30.29 -45.37
N MET B 501 -12.87 -30.13 -45.43
CA MET B 501 -13.48 -29.14 -46.29
C MET B 501 -13.17 -27.71 -45.80
N LEU B 502 -13.39 -27.49 -44.51
CA LEU B 502 -13.15 -26.20 -43.88
C LEU B 502 -11.67 -25.82 -43.96
N GLN B 503 -10.78 -26.76 -43.66
CA GLN B 503 -9.34 -26.45 -43.75
C GLN B 503 -8.96 -26.17 -45.19
N LYS B 504 -9.54 -26.94 -46.11
CA LYS B 504 -9.43 -26.70 -47.54
C LYS B 504 -9.93 -25.31 -47.92
N ALA B 505 -11.19 -25.02 -47.56
CA ALA B 505 -11.80 -23.72 -47.81
C ALA B 505 -10.98 -22.55 -47.25
N ALA B 506 -10.43 -22.70 -46.05
CA ALA B 506 -9.66 -21.63 -45.43
C ALA B 506 -8.46 -21.27 -46.27
N ARG B 507 -7.84 -22.28 -46.88
CA ARG B 507 -6.65 -22.06 -47.68
C ARG B 507 -6.97 -21.50 -49.06
N GLU B 508 -8.25 -21.54 -49.45
CA GLU B 508 -8.63 -21.21 -50.83
C GLU B 508 -9.64 -20.05 -50.89
N THR B 509 -10.55 -19.99 -49.93
CA THR B 509 -11.58 -18.96 -49.92
C THR B 509 -11.07 -17.58 -49.48
N LYS B 510 -11.37 -16.57 -50.30
CA LYS B 510 -11.14 -15.18 -49.97
C LYS B 510 -12.34 -14.68 -49.19
N ILE B 511 -12.17 -14.48 -47.89
CA ILE B 511 -13.30 -14.17 -47.02
C ILE B 511 -13.90 -12.80 -47.31
N LEU B 512 -15.22 -12.75 -47.49
CA LEU B 512 -15.91 -11.53 -47.92
C LEU B 512 -16.64 -10.83 -46.79
N LEU B 513 -16.59 -9.49 -46.77
CA LEU B 513 -17.10 -8.72 -45.62
C LEU B 513 -17.95 -7.51 -46.05
N ASP B 514 -18.75 -7.70 -47.10
CA ASP B 514 -19.54 -6.62 -47.71
C ASP B 514 -20.73 -6.22 -46.85
N HIS B 515 -21.30 -7.19 -46.16
CA HIS B 515 -22.45 -6.95 -45.32
C HIS B 515 -22.04 -6.25 -44.01
N GLU B 516 -22.92 -5.37 -43.53
CA GLU B 516 -22.75 -4.66 -42.26
C GLU B 516 -22.39 -5.61 -41.10
N LYS B 517 -23.13 -6.71 -40.99
CA LYS B 517 -22.93 -7.63 -39.89
C LYS B 517 -21.72 -8.55 -40.09
N GLU B 518 -21.32 -8.86 -41.33
CA GLU B 518 -20.11 -9.68 -41.44
C GLU B 518 -18.87 -8.83 -41.15
N TRP B 519 -18.98 -7.52 -41.35
CA TRP B 519 -17.89 -6.60 -41.03
C TRP B 519 -17.81 -6.36 -39.51
N LYS B 520 -18.96 -6.15 -38.89
CA LYS B 520 -19.00 -6.06 -37.43
C LYS B 520 -18.36 -7.30 -36.80
N LEU B 521 -18.84 -8.49 -37.19
CA LEU B 521 -18.36 -9.75 -36.64
C LEU B 521 -16.88 -9.97 -36.90
N GLY B 522 -16.45 -9.64 -38.10
CA GLY B 522 -15.03 -9.74 -38.47
C GLY B 522 -14.11 -8.90 -37.61
N ARG B 523 -14.48 -7.65 -37.35
CA ARG B 523 -13.60 -6.77 -36.61
C ARG B 523 -13.69 -7.10 -35.12
N CYS B 524 -14.82 -7.64 -34.69
CA CYS B 524 -14.94 -8.08 -33.32
C CYS B 524 -14.01 -9.26 -33.05
N ILE B 525 -14.05 -10.26 -33.92
CA ILE B 525 -13.15 -11.40 -33.83
C ILE B 525 -11.71 -10.92 -33.72
N LEU B 526 -11.36 -9.92 -34.52
CA LEU B 526 -9.96 -9.56 -34.62
C LEU B 526 -9.49 -8.75 -33.40
N ARG B 527 -10.41 -8.51 -32.46
CA ARG B 527 -10.09 -7.76 -31.25
C ARG B 527 -9.53 -8.63 -30.12
N PHE B 528 -9.54 -9.94 -30.31
CA PHE B 528 -9.10 -10.87 -29.28
C PHE B 528 -7.76 -10.52 -28.65
N PRO B 529 -6.74 -10.23 -29.49
CA PRO B 529 -5.42 -9.99 -28.91
C PRO B 529 -5.39 -8.75 -28.04
N GLU B 530 -5.98 -7.67 -28.53
CA GLU B 530 -5.96 -6.41 -27.82
C GLU B 530 -6.67 -6.59 -26.48
N ILE B 531 -7.73 -7.38 -26.45
CA ILE B 531 -8.38 -7.70 -25.20
C ILE B 531 -7.40 -8.38 -24.25
N LEU B 532 -6.78 -9.45 -24.71
CA LEU B 532 -5.91 -10.22 -23.85
C LEU B 532 -4.75 -9.34 -23.35
N GLN B 533 -4.21 -8.50 -24.21
CA GLN B 533 -3.04 -7.72 -23.81
C GLN B 533 -3.37 -6.75 -22.67
N LYS B 534 -4.58 -6.20 -22.66
CA LYS B 534 -5.01 -5.32 -21.60
C LYS B 534 -5.11 -6.09 -20.32
N ILE B 535 -5.36 -7.39 -20.39
CA ILE B 535 -5.53 -8.13 -19.16
C ILE B 535 -4.19 -8.47 -18.55
N LEU B 536 -3.17 -8.56 -19.39
CA LEU B 536 -1.82 -8.76 -18.88
C LEU B 536 -1.38 -7.58 -18.00
N ASP B 537 -2.04 -6.44 -18.11
CA ASP B 537 -1.68 -5.27 -17.33
C ASP B 537 -2.53 -5.08 -16.08
N ASP B 538 -3.83 -5.29 -16.17
CA ASP B 538 -4.65 -5.10 -14.98
C ASP B 538 -5.16 -6.38 -14.34
N LEU B 539 -4.94 -7.52 -15.00
CA LEU B 539 -5.40 -8.82 -14.52
C LEU B 539 -6.86 -8.78 -14.16
N PHE B 540 -7.64 -8.10 -15.01
CA PHE B 540 -9.09 -8.11 -14.90
C PHE B 540 -9.70 -9.03 -15.97
N LEU B 541 -9.87 -10.30 -15.60
CA LEU B 541 -10.37 -11.31 -16.50
C LEU B 541 -11.81 -11.09 -16.94
N HIS B 542 -12.56 -10.32 -16.17
CA HIS B 542 -13.96 -10.09 -16.50
C HIS B 542 -14.07 -9.37 -17.84
N THR B 543 -13.00 -8.76 -18.33
CA THR B 543 -13.16 -8.08 -19.60
C THR B 543 -13.06 -9.08 -20.76
N LEU B 544 -12.37 -10.20 -20.54
CA LEU B 544 -12.38 -11.33 -21.48
C LEU B 544 -13.78 -11.97 -21.53
N CYS B 545 -14.40 -12.20 -20.37
CA CYS B 545 -15.78 -12.63 -20.34
C CYS B 545 -16.66 -11.68 -21.13
N ASP B 546 -16.52 -10.38 -20.86
CA ASP B 546 -17.31 -9.40 -21.57
C ASP B 546 -17.12 -9.55 -23.06
N TYR B 547 -15.91 -9.85 -23.49
CA TYR B 547 -15.64 -10.01 -24.92
C TYR B 547 -16.27 -11.28 -25.55
N ILE B 548 -16.21 -12.39 -24.82
CA ILE B 548 -16.83 -13.63 -25.27
C ILE B 548 -18.32 -13.42 -25.53
N TYR B 549 -18.99 -12.73 -24.61
CA TYR B 549 -20.41 -12.44 -24.73
C TYR B 549 -20.64 -11.52 -25.91
N GLU B 550 -19.78 -10.52 -26.03
CA GLU B 550 -19.84 -9.59 -27.14
C GLU B 550 -19.71 -10.36 -28.47
N LEU B 551 -18.80 -11.32 -28.49
CA LEU B 551 -18.50 -12.06 -29.71
C LEU B 551 -19.70 -12.92 -30.06
N ALA B 552 -20.30 -13.50 -29.04
CA ALA B 552 -21.49 -14.32 -29.22
C ALA B 552 -22.60 -13.50 -29.86
N THR B 553 -22.81 -12.31 -29.31
CA THR B 553 -23.85 -11.44 -29.82
C THR B 553 -23.55 -10.97 -31.25
N ALA B 554 -22.30 -10.64 -31.55
CA ALA B 554 -21.96 -10.27 -32.91
C ALA B 554 -22.32 -11.39 -33.88
N PHE B 555 -22.18 -12.64 -33.42
CA PHE B 555 -22.46 -13.80 -34.26
C PHE B 555 -23.96 -13.98 -34.52
N THR B 556 -24.74 -14.01 -33.44
CA THR B 556 -26.18 -14.12 -33.53
C THR B 556 -26.76 -13.11 -34.51
N GLU B 557 -26.30 -11.87 -34.44
CA GLU B 557 -26.77 -10.83 -35.35
C GLU B 557 -26.39 -11.15 -36.79
N PHE B 558 -25.17 -11.66 -36.96
CA PHE B 558 -24.68 -12.08 -38.26
C PHE B 558 -25.54 -13.20 -38.85
N TYR B 559 -25.81 -14.21 -38.04
CA TYR B 559 -26.56 -15.38 -38.48
C TYR B 559 -28.00 -15.04 -38.82
N ASP B 560 -28.54 -14.05 -38.13
CA ASP B 560 -29.92 -13.65 -38.33
C ASP B 560 -30.10 -12.73 -39.53
N SER B 561 -29.00 -12.46 -40.23
CA SER B 561 -29.01 -11.55 -41.36
C SER B 561 -28.36 -12.15 -42.60
N CYS B 562 -27.66 -13.27 -42.42
CA CYS B 562 -26.93 -13.87 -43.53
C CYS B 562 -27.13 -15.38 -43.54
N TYR B 563 -27.63 -15.89 -44.65
CA TYR B 563 -27.70 -17.34 -44.83
C TYR B 563 -26.29 -17.86 -45.04
N CYS B 564 -25.97 -18.93 -44.34
CA CYS B 564 -24.72 -19.65 -44.56
C CYS B 564 -25.00 -20.73 -45.62
N VAL B 565 -26.23 -21.25 -45.55
CA VAL B 565 -26.80 -22.21 -46.50
C VAL B 565 -28.25 -21.86 -46.87
N GLU B 566 -28.52 -21.96 -48.16
CA GLU B 566 -29.88 -21.90 -48.69
C GLU B 566 -30.35 -23.31 -49.05
N LYS B 567 -31.53 -23.69 -48.57
CA LYS B 567 -32.13 -25.00 -48.82
C LYS B 567 -33.29 -24.89 -49.80
N ASP B 568 -33.73 -23.65 -50.02
CA ASP B 568 -34.80 -23.32 -50.94
C ASP B 568 -36.09 -24.13 -50.73
N ARG B 569 -36.92 -23.64 -49.81
CA ARG B 569 -38.29 -24.09 -49.66
C ARG B 569 -38.46 -25.60 -49.59
N GLN B 570 -39.33 -26.11 -50.44
CA GLN B 570 -39.59 -27.54 -50.56
C GLN B 570 -38.33 -28.31 -50.88
N THR B 571 -38.20 -29.48 -50.23
CA THR B 571 -37.00 -30.32 -50.19
C THR B 571 -35.86 -29.58 -49.52
N GLY B 572 -36.19 -28.83 -48.47
CA GLY B 572 -35.20 -28.13 -47.65
C GLY B 572 -33.94 -28.95 -47.44
N LYS B 573 -33.20 -29.16 -48.53
CA LYS B 573 -31.97 -29.93 -48.53
C LYS B 573 -30.86 -29.19 -49.26
N ILE B 574 -30.59 -27.98 -48.78
CA ILE B 574 -29.45 -27.18 -49.19
C ILE B 574 -29.44 -26.86 -50.70
N LEU B 575 -28.37 -27.25 -51.38
CA LEU B 575 -28.02 -26.87 -52.76
C LEU B 575 -27.40 -25.47 -52.87
N LYS B 576 -27.01 -24.88 -51.73
CA LYS B 576 -26.04 -23.76 -51.77
C LYS B 576 -25.36 -23.48 -50.43
N VAL B 577 -24.03 -23.41 -50.50
CA VAL B 577 -23.17 -23.13 -49.37
C VAL B 577 -22.25 -21.96 -49.64
N ASN B 578 -22.46 -20.88 -48.89
CA ASN B 578 -21.56 -19.74 -48.90
C ASN B 578 -20.34 -20.05 -48.07
N MET B 579 -19.26 -20.47 -48.72
CA MET B 579 -18.17 -21.04 -47.99
C MET B 579 -17.46 -20.01 -47.11
N TRP B 580 -17.51 -18.74 -47.50
CA TRP B 580 -16.85 -17.70 -46.71
C TRP B 580 -17.59 -17.48 -45.38
N ARG B 581 -18.91 -17.64 -45.37
CA ARG B 581 -19.67 -17.50 -44.14
C ARG B 581 -19.55 -18.72 -43.25
N MET B 582 -19.21 -19.87 -43.84
CA MET B 582 -18.90 -21.06 -43.05
C MET B 582 -17.65 -20.82 -42.23
N LEU B 583 -16.69 -20.18 -42.88
CA LEU B 583 -15.40 -19.88 -42.30
C LEU B 583 -15.55 -18.83 -41.19
N LEU B 584 -16.42 -17.84 -41.41
CA LEU B 584 -16.70 -16.88 -40.36
C LEU B 584 -17.19 -17.60 -39.12
N CYS B 585 -18.08 -18.58 -39.29
CA CYS B 585 -18.56 -19.37 -38.15
C CYS B 585 -17.39 -20.03 -37.40
N GLU B 586 -16.46 -20.59 -38.17
CA GLU B 586 -15.29 -21.24 -37.62
C GLU B 586 -14.35 -20.29 -36.89
N ALA B 587 -14.05 -19.14 -37.50
CA ALA B 587 -13.16 -18.20 -36.89
C ALA B 587 -13.77 -17.74 -35.55
N VAL B 588 -15.08 -17.48 -35.54
CA VAL B 588 -15.76 -17.15 -34.31
C VAL B 588 -15.57 -18.23 -33.24
N ALA B 589 -15.78 -19.49 -33.61
CA ALA B 589 -15.70 -20.59 -32.66
C ALA B 589 -14.28 -20.84 -32.22
N ALA B 590 -13.33 -20.60 -33.13
CA ALA B 590 -11.94 -20.78 -32.82
C ALA B 590 -11.53 -19.76 -31.73
N VAL B 591 -11.81 -18.48 -31.94
CA VAL B 591 -11.57 -17.47 -30.91
C VAL B 591 -12.33 -17.78 -29.62
N MET B 592 -13.60 -18.14 -29.75
CA MET B 592 -14.35 -18.49 -28.54
C MET B 592 -13.70 -19.65 -27.79
N ALA B 593 -13.09 -20.57 -28.52
CA ALA B 593 -12.54 -21.77 -27.91
C ALA B 593 -11.31 -21.45 -27.04
N LYS B 594 -10.43 -20.58 -27.53
CA LYS B 594 -9.32 -20.06 -26.72
C LYS B 594 -9.79 -19.36 -25.46
N GLY B 595 -10.75 -18.45 -25.63
CA GLY B 595 -11.30 -17.69 -24.53
C GLY B 595 -11.73 -18.60 -23.40
N PHE B 596 -12.57 -19.57 -23.73
CA PHE B 596 -13.00 -20.58 -22.78
C PHE B 596 -11.77 -21.26 -22.14
N ASP B 597 -10.80 -21.52 -22.99
CA ASP B 597 -9.63 -22.22 -22.54
C ASP B 597 -8.91 -21.44 -21.46
N ILE B 598 -8.76 -20.16 -21.71
CA ILE B 598 -8.10 -19.31 -20.75
C ILE B 598 -8.89 -19.20 -19.45
N LEU B 599 -10.20 -19.27 -19.53
CA LEU B 599 -11.03 -19.13 -18.34
C LEU B 599 -11.19 -20.45 -17.61
N GLY B 600 -10.58 -21.51 -18.15
CA GLY B 600 -10.71 -22.84 -17.58
C GLY B 600 -12.04 -23.47 -17.91
N ILE B 601 -12.66 -22.98 -18.97
CA ILE B 601 -13.93 -23.55 -19.40
C ILE B 601 -13.79 -24.52 -20.58
N LYS B 602 -14.45 -25.66 -20.48
CA LYS B 602 -14.33 -26.71 -21.48
C LYS B 602 -15.57 -26.77 -22.38
N PRO B 603 -15.51 -26.21 -23.60
CA PRO B 603 -16.69 -26.31 -24.46
C PRO B 603 -17.01 -27.73 -24.88
N VAL B 604 -18.28 -28.09 -25.00
CA VAL B 604 -18.62 -29.36 -25.66
C VAL B 604 -19.07 -29.07 -27.09
N GLN B 605 -19.12 -30.12 -27.89
CA GLN B 605 -19.54 -29.99 -29.27
C GLN B 605 -21.07 -30.08 -29.42
N ARG B 606 -21.72 -30.91 -28.60
CA ARG B 606 -23.12 -31.15 -28.90
C ARG B 606 -24.09 -30.64 -27.83
N MET B 607 -23.91 -31.01 -26.57
CA MET B 607 -24.82 -30.48 -25.54
C MET B 607 -26.28 -30.92 -25.79
N ARG C . -9.30 17.04 5.84
CA ARG C . -9.00 15.61 5.79
C ARG C . -9.73 14.86 6.90
O ARG C . -9.60 13.65 7.00
CB ARG C . -7.48 15.34 5.89
CG ARG C . -6.65 15.78 4.68
CD ARG C . -5.24 15.28 4.82
NE ARG C . -4.34 15.66 3.73
CZ ARG C . -4.44 15.21 2.47
NH1 ARG C . -3.57 15.57 1.55
NH2 ARG C . -5.45 14.42 2.12
OXT ARG C . -10.45 15.43 7.71
C1 GOL D . -5.75 14.62 10.11
O1 GOL D . -5.26 15.35 8.99
C2 GOL D . -6.65 13.46 9.68
O2 GOL D . -5.89 12.27 9.76
C3 GOL D . -7.90 13.29 10.55
O3 GOL D . -8.96 12.74 9.78
H11 GOL D . -4.90 14.22 10.68
H12 GOL D . -6.31 15.29 10.77
HO1 GOL D . -4.74 16.13 9.30
H2 GOL D . -6.96 13.62 8.64
HO2 GOL D . -5.64 12.10 10.69
H31 GOL D . -7.68 12.64 11.39
H32 GOL D . -8.20 14.27 10.94
HO3 GOL D . -9.80 12.83 10.27
N ARG E . -2.64 -20.07 3.16
CA ARG E . -3.00 -18.65 3.19
C ARG E . -4.43 -18.46 3.64
O ARG E . -5.15 -19.45 3.89
CB ARG E . -2.80 -18.01 1.82
CG ARG E . -1.36 -17.86 1.39
CD ARG E . -1.29 -17.06 0.13
NE ARG E . 0.06 -16.92 -0.42
CZ ARG E . 1.04 -16.26 0.17
NH1 ARG E . 2.22 -16.16 -0.43
NH2 ARG E . 0.85 -15.69 1.36
OXT ARG E . -4.89 -17.31 3.76
C1 GOL F . -6.67 -17.61 -1.00
O1 GOL F . -5.36 -18.14 -1.16
C2 GOL F . -6.79 -16.73 0.25
O2 GOL F . -6.86 -15.39 -0.15
C3 GOL F . -8.02 -17.06 1.10
O3 GOL F . -7.70 -16.88 2.47
H11 GOL F . -6.93 -17.02 -1.88
H12 GOL F . -7.39 -18.43 -0.94
HO1 GOL F . -5.33 -18.74 -1.92
H2 GOL F . -5.90 -16.89 0.86
HO2 GOL F . -7.68 -15.24 -0.68
H31 GOL F . -8.85 -16.41 0.83
H32 GOL F . -8.33 -18.09 0.93
HO3 GOL F . -8.18 -17.55 3.00
#